data_1LAS
# 
_entry.id   1LAS 
# 
_audit_conform.dict_name       mmcif_pdbx.dic 
_audit_conform.dict_version    5.392 
_audit_conform.dict_location   http://mmcif.pdb.org/dictionaries/ascii/mmcif_pdbx.dic 
# 
loop_
_database_2.database_id 
_database_2.database_code 
_database_2.pdbx_database_accession 
_database_2.pdbx_DOI 
PDB   1LAS         pdb_00001las 10.2210/pdb1las/pdb 
RCSB  RCSB015797   ?            ?                   
WWPDB D_1000015797 ?            ?                   
# 
loop_
_pdbx_audit_revision_history.ordinal 
_pdbx_audit_revision_history.data_content_type 
_pdbx_audit_revision_history.major_revision 
_pdbx_audit_revision_history.minor_revision 
_pdbx_audit_revision_history.revision_date 
1 'Structure model' 1 0 2002-04-17 
2 'Structure model' 1 1 2008-04-28 
3 'Structure model' 1 2 2011-07-13 
4 'Structure model' 2 0 2022-02-23 
5 'Structure model' 2 1 2024-05-22 
# 
_pdbx_audit_revision_details.ordinal             1 
_pdbx_audit_revision_details.revision_ordinal    1 
_pdbx_audit_revision_details.data_content_type   'Structure model' 
_pdbx_audit_revision_details.provider            repository 
_pdbx_audit_revision_details.type                'Initial release' 
_pdbx_audit_revision_details.description         ? 
_pdbx_audit_revision_details.details             ? 
# 
loop_
_pdbx_audit_revision_group.ordinal 
_pdbx_audit_revision_group.revision_ordinal 
_pdbx_audit_revision_group.data_content_type 
_pdbx_audit_revision_group.group 
1 2 'Structure model' 'Version format compliance' 
2 3 'Structure model' 'Version format compliance' 
3 4 'Structure model' 'Data collection'           
4 4 'Structure model' 'Database references'       
5 4 'Structure model' 'Derived calculations'      
6 4 'Structure model' 'Polymer sequence'          
7 5 'Structure model' 'Data collection'           
# 
loop_
_pdbx_audit_revision_category.ordinal 
_pdbx_audit_revision_category.revision_ordinal 
_pdbx_audit_revision_category.data_content_type 
_pdbx_audit_revision_category.category 
1 4 'Structure model' database_2            
2 4 'Structure model' entity_poly           
3 4 'Structure model' pdbx_nmr_software     
4 4 'Structure model' pdbx_struct_assembly  
5 4 'Structure model' pdbx_struct_oper_list 
6 4 'Structure model' struct_conn           
7 5 'Structure model' chem_comp_atom        
8 5 'Structure model' chem_comp_bond        
# 
loop_
_pdbx_audit_revision_item.ordinal 
_pdbx_audit_revision_item.revision_ordinal 
_pdbx_audit_revision_item.data_content_type 
_pdbx_audit_revision_item.item 
1 4 'Structure model' '_database_2.pdbx_DOI'                      
2 4 'Structure model' '_database_2.pdbx_database_accession'       
3 4 'Structure model' '_entity_poly.pdbx_seq_one_letter_code'     
4 4 'Structure model' '_entity_poly.pdbx_seq_one_letter_code_can' 
5 4 'Structure model' '_pdbx_nmr_software.name'                   
6 4 'Structure model' '_struct_conn.pdbx_leaving_atom_flag'       
# 
_pdbx_database_status.status_code                     REL 
_pdbx_database_status.entry_id                        1LAS 
_pdbx_database_status.recvd_initial_deposition_date   2002-03-29 
_pdbx_database_status.deposit_site                    RCSB 
_pdbx_database_status.process_site                    RCSB 
_pdbx_database_status.status_code_mr                  REL 
_pdbx_database_status.SG_entry                        . 
_pdbx_database_status.pdb_format_compatible           Y 
_pdbx_database_status.status_code_sf                  ? 
_pdbx_database_status.status_code_cs                  ? 
_pdbx_database_status.status_code_nmr_data            ? 
_pdbx_database_status.methods_development_category    ? 
# 
loop_
_pdbx_database_related.db_name 
_pdbx_database_related.db_id 
_pdbx_database_related.details 
_pdbx_database_related.content_type 
PDB 1LAB '1LAB IS THE Solution structure of the DNA 13-mer hairpin CGCGGTGTCCGCG.' unspecified 
PDB 1LAE 
;1LAE IS THE Solution structure of the DNA 13-mer hairpin CGCGGTXTCCGCG (X=PdG) containing the 1,N2-propnaodeoxyguanosine adduct at the seventh position.
;
unspecified 
PDB 1LAI '1LAI IS THE Solution structure of the B-DNA duplex CGCGGTGTCCGCG' unspecified 
PDB 1LAQ 
;1LAQ IS THE Solution structure of the B-DNA duplex CGCGGTXTCCGCG (X=PdG) containing the 1,N2-propnaodeoxyguanosine adduct with the deoxyribose at C20 opposite PdG in the C2' endo conformation.
;
unspecified 
# 
loop_
_audit_author.name 
_audit_author.pdbx_ordinal 
'Weisenseel, J.P.' 1 
'Reddy, G.R.'      2 
'Marnett, L.J.'    3 
'Stone, M.P.'      4 
# 
_citation.id                        primary 
_citation.title                     
;Structure of an oligodeoxynucleotide containing a 1,N(2)-propanodeoxyguanosine adduct positioned in a palindrome derived from the Salmonella typhimurium hisD3052 gene: Hoogsteen pairing at pH 5.2.
;
_citation.journal_abbrev            Chem.Res.Toxicol. 
_citation.journal_volume            15 
_citation.page_first                127 
_citation.page_last                 139 
_citation.year                      2002 
_citation.journal_id_ASTM           CRTOEC 
_citation.country                   US 
_citation.journal_id_ISSN           0893-228X 
_citation.journal_id_CSD            2140 
_citation.book_publisher            ? 
_citation.pdbx_database_id_PubMed   11849038 
_citation.pdbx_database_id_DOI      10.1021/tx0101090 
# 
loop_
_citation_author.citation_id 
_citation_author.name 
_citation_author.ordinal 
_citation_author.identifier_ORCID 
primary 'Weisenseel, J.P.' 1 ? 
primary 'Reddy, G.R.'      2 ? 
primary 'Marnett, L.J.'    3 ? 
primary 'Stone, M.P.'      4 ? 
# 
loop_
_entity.id 
_entity.type 
_entity.src_method 
_entity.pdbx_description 
_entity.formula_weight 
_entity.pdbx_number_of_molecules 
_entity.pdbx_ec 
_entity.pdbx_mutation 
_entity.pdbx_fragment 
_entity.details 
1 polymer syn "5'-D(*CP*GP*CP*GP*GP*TP*(P)P*TP*CP*CP*GP*CP*G)-3'"   4024.636 1 ? ? ? ? 
2 polymer syn "5'-D(*CP*GP*CP*GP*GP*AP*(DNR)P*AP*CP*CP*GP*CP*G)-3'" 3963.584 1 ? ? ? ? 
# 
loop_
_entity_poly.entity_id 
_entity_poly.type 
_entity_poly.nstd_linkage 
_entity_poly.nstd_monomer 
_entity_poly.pdbx_seq_one_letter_code 
_entity_poly.pdbx_seq_one_letter_code_can 
_entity_poly.pdbx_strand_id 
_entity_poly.pdbx_target_identifier 
1 polydeoxyribonucleotide no yes '(DC)(DG)(DC)(DG)(DG)(DT)(P)(DT)(DC)(DC)(DG)(DC)(DG)'   CGCGGTGTCCGCG A ? 
2 polydeoxyribonucleotide no yes '(DC)(DG)(DC)(DG)(DG)(DA)(DNR)(DA)(DC)(DC)(DG)(DC)(DG)' CGCGGACACCGCG B ? 
# 
loop_
_entity_poly_seq.entity_id 
_entity_poly_seq.num 
_entity_poly_seq.mon_id 
_entity_poly_seq.hetero 
1 1  DC  n 
1 2  DG  n 
1 3  DC  n 
1 4  DG  n 
1 5  DG  n 
1 6  DT  n 
1 7  P   n 
1 8  DT  n 
1 9  DC  n 
1 10 DC  n 
1 11 DG  n 
1 12 DC  n 
1 13 DG  n 
2 1  DC  n 
2 2  DG  n 
2 3  DC  n 
2 4  DG  n 
2 5  DG  n 
2 6  DA  n 
2 7  DNR n 
2 8  DA  n 
2 9  DC  n 
2 10 DC  n 
2 11 DG  n 
2 12 DC  n 
2 13 DG  n 
# 
loop_
_pdbx_entity_src_syn.entity_id 
_pdbx_entity_src_syn.pdbx_src_id 
_pdbx_entity_src_syn.pdbx_alt_source_flag 
_pdbx_entity_src_syn.pdbx_beg_seq_num 
_pdbx_entity_src_syn.pdbx_end_seq_num 
_pdbx_entity_src_syn.organism_scientific 
_pdbx_entity_src_syn.organism_common_name 
_pdbx_entity_src_syn.ncbi_taxonomy_id 
_pdbx_entity_src_syn.details 
1 1 sample ? ? ? ? ? 'This Synthetic DNA sequence was derived from the hisD3052 gene of Salmonella typhimurium.' 
2 1 sample ? ? ? ? ? 'This Synthetic DNA sequence was derived from the hisD3052 gene of Salmonella typhimurium.' 
# 
loop_
_chem_comp.id 
_chem_comp.type 
_chem_comp.mon_nstd_flag 
_chem_comp.name 
_chem_comp.pdbx_synonyms 
_chem_comp.formula 
_chem_comp.formula_weight 
DA  'DNA linking' y "2'-DEOXYADENOSINE-5'-MONOPHOSPHATE"               ? 'C10 H14 N5 O6 P'  331.222 
DC  'DNA linking' y "2'-DEOXYCYTIDINE-5'-MONOPHOSPHATE"                ? 'C9 H14 N3 O7 P'   307.197 
DG  'DNA linking' y "2'-DEOXYGUANOSINE-5'-MONOPHOSPHATE"               ? 'C10 H14 N5 O7 P'  347.221 
DNR 'DNA linking' n 
;2'-DEOXY-N3-PROTONATED CYTIDINE-5'-MONOPHOSPHATE
;
? 'C9 H15 N3 O7 P 1' 308.205 
DT  'DNA linking' y "THYMIDINE-5'-MONOPHOSPHATE"                       ? 'C10 H15 N2 O8 P'  322.208 
P   'DNA linking' n 
;2'-DEOXY-N1,N2-PROPANO GUANOSINE MONOPHOSPHATE
;
? 'C13 H18 N5 O7 P'  387.285 
# 
loop_
_pdbx_poly_seq_scheme.asym_id 
_pdbx_poly_seq_scheme.entity_id 
_pdbx_poly_seq_scheme.seq_id 
_pdbx_poly_seq_scheme.mon_id 
_pdbx_poly_seq_scheme.ndb_seq_num 
_pdbx_poly_seq_scheme.pdb_seq_num 
_pdbx_poly_seq_scheme.auth_seq_num 
_pdbx_poly_seq_scheme.pdb_mon_id 
_pdbx_poly_seq_scheme.auth_mon_id 
_pdbx_poly_seq_scheme.pdb_strand_id 
_pdbx_poly_seq_scheme.pdb_ins_code 
_pdbx_poly_seq_scheme.hetero 
A 1 1  DC  1  1  1  DC  C   A . n 
A 1 2  DG  2  2  2  DG  G   A . n 
A 1 3  DC  3  3  3  DC  C   A . n 
A 1 4  DG  4  4  4  DG  G   A . n 
A 1 5  DG  5  5  5  DG  G   A . n 
A 1 6  DT  6  6  6  DT  T   A . n 
A 1 7  P   7  7  7  P   P   A . n 
A 1 8  DT  8  8  8  DT  T   A . n 
A 1 9  DC  9  9  9  DC  C   A . n 
A 1 10 DC  10 10 10 DC  C   A . n 
A 1 11 DG  11 11 11 DG  G   A . n 
A 1 12 DC  12 12 12 DC  C   A . n 
A 1 13 DG  13 13 13 DG  G   A . n 
B 2 1  DC  1  14 14 DC  C   B . n 
B 2 2  DG  2  15 15 DG  G   B . n 
B 2 3  DC  3  16 16 DC  C   B . n 
B 2 4  DG  4  17 17 DG  G   B . n 
B 2 5  DG  5  18 18 DG  G   B . n 
B 2 6  DA  6  19 19 DA  A   B . n 
B 2 7  DNR 7  20 20 DNR DNR B . n 
B 2 8  DA  8  21 21 DA  A   B . n 
B 2 9  DC  9  22 22 DC  C   B . n 
B 2 10 DC  10 23 23 DC  C   B . n 
B 2 11 DG  11 24 24 DG  G   B . n 
B 2 12 DC  12 25 25 DC  C   B . n 
B 2 13 DG  13 26 26 DG  G   B . n 
# 
_exptl.entry_id          1LAS 
_exptl.method            'SOLUTION NMR' 
_exptl.crystals_number   ? 
# 
_exptl_crystal.id                    1 
_exptl_crystal.density_meas          ? 
_exptl_crystal.density_Matthews      ? 
_exptl_crystal.density_percent_sol   ? 
_exptl_crystal.description           ? 
# 
_diffrn.id                     1 
_diffrn.crystal_id             1 
_diffrn.ambient_temp           ? 
_diffrn.ambient_temp_details   ? 
# 
_diffrn_radiation.diffrn_id                        1 
_diffrn_radiation.wavelength_id                    1 
_diffrn_radiation.pdbx_monochromatic_or_laue_m_l   M 
_diffrn_radiation.monochromator                    ? 
_diffrn_radiation.pdbx_diffrn_protocol             'SINGLE WAVELENGTH' 
_diffrn_radiation.pdbx_scattering_type             ? 
# 
_diffrn_radiation_wavelength.id           1 
_diffrn_radiation_wavelength.wavelength   . 
_diffrn_radiation_wavelength.wt           1.0 
# 
_struct.entry_id                  1LAS 
_struct.title                     
;Solution Structure of the B-DNA Duplex CGCGGTXTCCGCG (X=PdG) Containing the 1,N2-propanodeoxyguanosine Adduct with the Deoxyribose at C20 Opposite PdG in the C3' Endo Conformation.
;
_struct.pdbx_model_details        ? 
_struct.pdbx_CASP_flag            ? 
_struct.pdbx_model_type_details   'minimized average' 
# 
_struct_keywords.entry_id        1LAS 
_struct_keywords.pdbx_keywords   DNA 
_struct_keywords.text            'DNA, B-type, propanodeoxyguanosine' 
# 
loop_
_struct_asym.id 
_struct_asym.pdbx_blank_PDB_chainid_flag 
_struct_asym.pdbx_modified 
_struct_asym.entity_id 
_struct_asym.details 
A N N 1 ? 
B N N 2 ? 
# 
loop_
_struct_ref.id 
_struct_ref.entity_id 
_struct_ref.db_name 
_struct_ref.db_code 
_struct_ref.pdbx_db_accession 
_struct_ref.pdbx_db_isoform 
_struct_ref.pdbx_seq_one_letter_code 
_struct_ref.pdbx_align_begin 
1 1 PDB 1LAS 1LAS ? ? ? 
2 2 PDB 1LAS 1LAS ? ? ? 
# 
loop_
_struct_ref_seq.align_id 
_struct_ref_seq.ref_id 
_struct_ref_seq.pdbx_PDB_id_code 
_struct_ref_seq.pdbx_strand_id 
_struct_ref_seq.seq_align_beg 
_struct_ref_seq.pdbx_seq_align_beg_ins_code 
_struct_ref_seq.seq_align_end 
_struct_ref_seq.pdbx_seq_align_end_ins_code 
_struct_ref_seq.pdbx_db_accession 
_struct_ref_seq.db_align_beg 
_struct_ref_seq.pdbx_db_align_beg_ins_code 
_struct_ref_seq.db_align_end 
_struct_ref_seq.pdbx_db_align_end_ins_code 
_struct_ref_seq.pdbx_auth_seq_align_beg 
_struct_ref_seq.pdbx_auth_seq_align_end 
1 1 1LAS A 1 ? 13 ? 1LAS 1  ? 13 ? 1  13 
2 2 1LAS B 1 ? 13 ? 1LAS 14 ? 26 ? 14 26 
# 
_pdbx_struct_assembly.id                   1 
_pdbx_struct_assembly.details              author_defined_assembly 
_pdbx_struct_assembly.method_details       ? 
_pdbx_struct_assembly.oligomeric_details   dimeric 
_pdbx_struct_assembly.oligomeric_count     2 
# 
_pdbx_struct_assembly_gen.assembly_id       1 
_pdbx_struct_assembly_gen.oper_expression   1 
_pdbx_struct_assembly_gen.asym_id_list      A,B 
# 
_pdbx_struct_oper_list.id                   1 
_pdbx_struct_oper_list.type                 'identity operation' 
_pdbx_struct_oper_list.name                 1_555 
_pdbx_struct_oper_list.symmetry_operation   x,y,z 
_pdbx_struct_oper_list.matrix[1][1]         1.0000000000 
_pdbx_struct_oper_list.matrix[1][2]         0.0000000000 
_pdbx_struct_oper_list.matrix[1][3]         0.0000000000 
_pdbx_struct_oper_list.vector[1]            0.0000000000 
_pdbx_struct_oper_list.matrix[2][1]         0.0000000000 
_pdbx_struct_oper_list.matrix[2][2]         1.0000000000 
_pdbx_struct_oper_list.matrix[2][3]         0.0000000000 
_pdbx_struct_oper_list.vector[2]            0.0000000000 
_pdbx_struct_oper_list.matrix[3][1]         0.0000000000 
_pdbx_struct_oper_list.matrix[3][2]         0.0000000000 
_pdbx_struct_oper_list.matrix[3][3]         1.0000000000 
_pdbx_struct_oper_list.vector[3]            0.0000000000 
# 
_struct_biol.id   1 
# 
loop_
_struct_conn.id 
_struct_conn.conn_type_id 
_struct_conn.pdbx_leaving_atom_flag 
_struct_conn.pdbx_PDB_id 
_struct_conn.ptnr1_label_asym_id 
_struct_conn.ptnr1_label_comp_id 
_struct_conn.ptnr1_label_seq_id 
_struct_conn.ptnr1_label_atom_id 
_struct_conn.pdbx_ptnr1_label_alt_id 
_struct_conn.pdbx_ptnr1_PDB_ins_code 
_struct_conn.pdbx_ptnr1_standard_comp_id 
_struct_conn.ptnr1_symmetry 
_struct_conn.ptnr2_label_asym_id 
_struct_conn.ptnr2_label_comp_id 
_struct_conn.ptnr2_label_seq_id 
_struct_conn.ptnr2_label_atom_id 
_struct_conn.pdbx_ptnr2_label_alt_id 
_struct_conn.pdbx_ptnr2_PDB_ins_code 
_struct_conn.ptnr1_auth_asym_id 
_struct_conn.ptnr1_auth_comp_id 
_struct_conn.ptnr1_auth_seq_id 
_struct_conn.ptnr2_auth_asym_id 
_struct_conn.ptnr2_auth_comp_id 
_struct_conn.ptnr2_auth_seq_id 
_struct_conn.ptnr2_symmetry 
_struct_conn.pdbx_ptnr3_label_atom_id 
_struct_conn.pdbx_ptnr3_label_seq_id 
_struct_conn.pdbx_ptnr3_label_comp_id 
_struct_conn.pdbx_ptnr3_label_asym_id 
_struct_conn.pdbx_ptnr3_label_alt_id 
_struct_conn.pdbx_ptnr3_PDB_ins_code 
_struct_conn.details 
_struct_conn.pdbx_dist_value 
_struct_conn.pdbx_value_order 
_struct_conn.pdbx_role 
covale1  covale both ? A DT  6  "O3'" ? ? ? 1_555 A P   7  P  ? ? A DT  6  A P   7  1_555 ? ? ? ? ? ? ?            1.616 ? ? 
covale2  covale both ? A P   7  "O3'" ? ? ? 1_555 A DT  8  P  ? ? A P   7  A DT  8  1_555 ? ? ? ? ? ? ?            1.611 ? ? 
covale3  covale both ? B DA  6  "O3'" ? ? ? 1_555 B DNR 7  P  ? ? B DA  19 B DNR 20 1_555 ? ? ? ? ? ? ?            1.612 ? ? 
covale4  covale both ? B DNR 7  "O3'" ? ? ? 1_555 B DA  8  P  ? ? B DNR 20 B DA  21 1_555 ? ? ? ? ? ? ?            1.616 ? ? 
hydrog1  hydrog ?    ? A DC  1  N3    ? ? ? 1_555 B DG  13 N1 ? ? A DC  1  B DG  26 1_555 ? ? ? ? ? ? WATSON-CRICK ?     ? ? 
hydrog2  hydrog ?    ? A DC  1  N4    ? ? ? 1_555 B DG  13 O6 ? ? A DC  1  B DG  26 1_555 ? ? ? ? ? ? WATSON-CRICK ?     ? ? 
hydrog3  hydrog ?    ? A DC  1  O2    ? ? ? 1_555 B DG  13 N2 ? ? A DC  1  B DG  26 1_555 ? ? ? ? ? ? WATSON-CRICK ?     ? ? 
hydrog4  hydrog ?    ? A DG  2  N1    ? ? ? 1_555 B DC  12 N3 ? ? A DG  2  B DC  25 1_555 ? ? ? ? ? ? WATSON-CRICK ?     ? ? 
hydrog5  hydrog ?    ? A DG  2  N2    ? ? ? 1_555 B DC  12 O2 ? ? A DG  2  B DC  25 1_555 ? ? ? ? ? ? WATSON-CRICK ?     ? ? 
hydrog6  hydrog ?    ? A DG  2  O6    ? ? ? 1_555 B DC  12 N4 ? ? A DG  2  B DC  25 1_555 ? ? ? ? ? ? WATSON-CRICK ?     ? ? 
hydrog7  hydrog ?    ? A DC  3  N3    ? ? ? 1_555 B DG  11 N1 ? ? A DC  3  B DG  24 1_555 ? ? ? ? ? ? WATSON-CRICK ?     ? ? 
hydrog8  hydrog ?    ? A DC  3  N4    ? ? ? 1_555 B DG  11 O6 ? ? A DC  3  B DG  24 1_555 ? ? ? ? ? ? WATSON-CRICK ?     ? ? 
hydrog9  hydrog ?    ? A DC  3  O2    ? ? ? 1_555 B DG  11 N2 ? ? A DC  3  B DG  24 1_555 ? ? ? ? ? ? WATSON-CRICK ?     ? ? 
hydrog10 hydrog ?    ? A DG  4  N1    ? ? ? 1_555 B DC  10 N3 ? ? A DG  4  B DC  23 1_555 ? ? ? ? ? ? WATSON-CRICK ?     ? ? 
hydrog11 hydrog ?    ? A DG  4  N2    ? ? ? 1_555 B DC  10 O2 ? ? A DG  4  B DC  23 1_555 ? ? ? ? ? ? WATSON-CRICK ?     ? ? 
hydrog12 hydrog ?    ? A DG  4  O6    ? ? ? 1_555 B DC  10 N4 ? ? A DG  4  B DC  23 1_555 ? ? ? ? ? ? WATSON-CRICK ?     ? ? 
hydrog13 hydrog ?    ? A DG  5  N1    ? ? ? 1_555 B DC  9  N3 ? ? A DG  5  B DC  22 1_555 ? ? ? ? ? ? WATSON-CRICK ?     ? ? 
hydrog14 hydrog ?    ? A DG  5  N2    ? ? ? 1_555 B DC  9  O2 ? ? A DG  5  B DC  22 1_555 ? ? ? ? ? ? WATSON-CRICK ?     ? ? 
hydrog15 hydrog ?    ? A DG  5  O6    ? ? ? 1_555 B DC  9  N4 ? ? A DG  5  B DC  22 1_555 ? ? ? ? ? ? WATSON-CRICK ?     ? ? 
hydrog16 hydrog ?    ? A DT  6  N3    ? ? ? 1_555 B DA  8  N1 ? ? A DT  6  B DA  21 1_555 ? ? ? ? ? ? WATSON-CRICK ?     ? ? 
hydrog17 hydrog ?    ? A DT  6  O4    ? ? ? 1_555 B DA  8  N6 ? ? A DT  6  B DA  21 1_555 ? ? ? ? ? ? WATSON-CRICK ?     ? ? 
hydrog18 hydrog ?    ? A P   7  O6    ? ? ? 1_555 B DNR 7  N4 ? ? A P   7  B DNR 20 1_555 ? ? ? ? ? ? 'P-DNR PAIR' ?     ? ? 
hydrog19 hydrog ?    ? A DT  8  N3    ? ? ? 1_555 B DA  6  N1 ? ? A DT  8  B DA  19 1_555 ? ? ? ? ? ? WATSON-CRICK ?     ? ? 
hydrog20 hydrog ?    ? A DT  8  O4    ? ? ? 1_555 B DA  6  N6 ? ? A DT  8  B DA  19 1_555 ? ? ? ? ? ? WATSON-CRICK ?     ? ? 
hydrog21 hydrog ?    ? A DC  9  N3    ? ? ? 1_555 B DG  5  N1 ? ? A DC  9  B DG  18 1_555 ? ? ? ? ? ? WATSON-CRICK ?     ? ? 
hydrog22 hydrog ?    ? A DC  9  N4    ? ? ? 1_555 B DG  5  O6 ? ? A DC  9  B DG  18 1_555 ? ? ? ? ? ? WATSON-CRICK ?     ? ? 
hydrog23 hydrog ?    ? A DC  9  O2    ? ? ? 1_555 B DG  5  N2 ? ? A DC  9  B DG  18 1_555 ? ? ? ? ? ? WATSON-CRICK ?     ? ? 
hydrog24 hydrog ?    ? A DC  10 N3    ? ? ? 1_555 B DG  4  N1 ? ? A DC  10 B DG  17 1_555 ? ? ? ? ? ? WATSON-CRICK ?     ? ? 
hydrog25 hydrog ?    ? A DC  10 N4    ? ? ? 1_555 B DG  4  O6 ? ? A DC  10 B DG  17 1_555 ? ? ? ? ? ? WATSON-CRICK ?     ? ? 
hydrog26 hydrog ?    ? A DC  10 O2    ? ? ? 1_555 B DG  4  N2 ? ? A DC  10 B DG  17 1_555 ? ? ? ? ? ? WATSON-CRICK ?     ? ? 
hydrog27 hydrog ?    ? A DG  11 N1    ? ? ? 1_555 B DC  3  N3 ? ? A DG  11 B DC  16 1_555 ? ? ? ? ? ? WATSON-CRICK ?     ? ? 
hydrog28 hydrog ?    ? A DG  11 N2    ? ? ? 1_555 B DC  3  O2 ? ? A DG  11 B DC  16 1_555 ? ? ? ? ? ? WATSON-CRICK ?     ? ? 
hydrog29 hydrog ?    ? A DG  11 O6    ? ? ? 1_555 B DC  3  N4 ? ? A DG  11 B DC  16 1_555 ? ? ? ? ? ? WATSON-CRICK ?     ? ? 
hydrog30 hydrog ?    ? A DC  12 N3    ? ? ? 1_555 B DG  2  N1 ? ? A DC  12 B DG  15 1_555 ? ? ? ? ? ? WATSON-CRICK ?     ? ? 
hydrog31 hydrog ?    ? A DC  12 N4    ? ? ? 1_555 B DG  2  O6 ? ? A DC  12 B DG  15 1_555 ? ? ? ? ? ? WATSON-CRICK ?     ? ? 
hydrog32 hydrog ?    ? A DC  12 O2    ? ? ? 1_555 B DG  2  N2 ? ? A DC  12 B DG  15 1_555 ? ? ? ? ? ? WATSON-CRICK ?     ? ? 
hydrog33 hydrog ?    ? A DG  13 N1    ? ? ? 1_555 B DC  1  N3 ? ? A DG  13 B DC  14 1_555 ? ? ? ? ? ? WATSON-CRICK ?     ? ? 
hydrog34 hydrog ?    ? A DG  13 N2    ? ? ? 1_555 B DC  1  O2 ? ? A DG  13 B DC  14 1_555 ? ? ? ? ? ? WATSON-CRICK ?     ? ? 
hydrog35 hydrog ?    ? A DG  13 O6    ? ? ? 1_555 B DC  1  N4 ? ? A DG  13 B DC  14 1_555 ? ? ? ? ? ? WATSON-CRICK ?     ? ? 
# 
loop_
_struct_conn_type.id 
_struct_conn_type.criteria 
_struct_conn_type.reference 
covale ? ? 
hydrog ? ? 
# 
loop_
_pdbx_validate_rmsd_angle.id 
_pdbx_validate_rmsd_angle.PDB_model_num 
_pdbx_validate_rmsd_angle.auth_atom_id_1 
_pdbx_validate_rmsd_angle.auth_asym_id_1 
_pdbx_validate_rmsd_angle.auth_comp_id_1 
_pdbx_validate_rmsd_angle.auth_seq_id_1 
_pdbx_validate_rmsd_angle.PDB_ins_code_1 
_pdbx_validate_rmsd_angle.label_alt_id_1 
_pdbx_validate_rmsd_angle.auth_atom_id_2 
_pdbx_validate_rmsd_angle.auth_asym_id_2 
_pdbx_validate_rmsd_angle.auth_comp_id_2 
_pdbx_validate_rmsd_angle.auth_seq_id_2 
_pdbx_validate_rmsd_angle.PDB_ins_code_2 
_pdbx_validate_rmsd_angle.label_alt_id_2 
_pdbx_validate_rmsd_angle.auth_atom_id_3 
_pdbx_validate_rmsd_angle.auth_asym_id_3 
_pdbx_validate_rmsd_angle.auth_comp_id_3 
_pdbx_validate_rmsd_angle.auth_seq_id_3 
_pdbx_validate_rmsd_angle.PDB_ins_code_3 
_pdbx_validate_rmsd_angle.label_alt_id_3 
_pdbx_validate_rmsd_angle.angle_value 
_pdbx_validate_rmsd_angle.angle_target_value 
_pdbx_validate_rmsd_angle.angle_deviation 
_pdbx_validate_rmsd_angle.angle_standard_deviation 
_pdbx_validate_rmsd_angle.linker_flag 
1  1 "O4'" A DC 1  ? ? "C1'" A DC 1  ? ? N1 A DC 1  ? ? 110.76 108.30 2.46  0.30 N 
2  1 "O4'" A DG 2  ? ? "C1'" A DG 2  ? ? N9 A DG 2  ? ? 110.77 108.30 2.47  0.30 N 
3  1 N7    A DG 2  ? ? C8    A DG 2  ? ? N9 A DG 2  ? ? 117.69 113.10 4.59  0.50 N 
4  1 "O4'" A DC 3  ? ? "C1'" A DC 3  ? ? N1 A DC 3  ? ? 111.32 108.30 3.02  0.30 N 
5  1 "O4'" A DG 4  ? ? "C1'" A DG 4  ? ? N9 A DG 4  ? ? 110.94 108.30 2.64  0.30 N 
6  1 N7    A DG 4  ? ? C8    A DG 4  ? ? N9 A DG 4  ? ? 117.63 113.10 4.53  0.50 N 
7  1 C8    A DG 4  ? ? N9    A DG 4  ? ? C4 A DG 4  ? ? 103.74 106.40 -2.66 0.40 N 
8  1 "O4'" A DG 5  ? ? "C1'" A DG 5  ? ? N9 A DG 5  ? ? 111.38 108.30 3.08  0.30 N 
9  1 N7    A DG 5  ? ? C8    A DG 5  ? ? N9 A DG 5  ? ? 117.62 113.10 4.52  0.50 N 
10 1 C8    A DG 5  ? ? N9    A DG 5  ? ? C4 A DG 5  ? ? 103.75 106.40 -2.65 0.40 N 
11 1 "O4'" A DT 6  ? ? "C1'" A DT 6  ? ? N1 A DT 6  ? ? 111.47 108.30 3.17  0.30 N 
12 1 "O4'" A DT 8  ? ? "C1'" A DT 8  ? ? N1 A DT 8  ? ? 111.20 108.30 2.90  0.30 N 
13 1 "O4'" A DC 9  ? ? "C1'" A DC 9  ? ? N1 A DC 9  ? ? 111.27 108.30 2.97  0.30 N 
14 1 "O4'" A DC 10 ? ? "C1'" A DC 10 ? ? N1 A DC 10 ? ? 111.37 108.30 3.07  0.30 N 
15 1 "O4'" A DG 11 ? ? "C1'" A DG 11 ? ? N9 A DG 11 ? ? 110.55 108.30 2.25  0.30 N 
16 1 N7    A DG 11 ? ? C8    A DG 11 ? ? N9 A DG 11 ? ? 117.73 113.10 4.63  0.50 N 
17 1 C8    A DG 11 ? ? N9    A DG 11 ? ? C4 A DG 11 ? ? 103.91 106.40 -2.49 0.40 N 
18 1 "O4'" A DC 12 ? ? "C1'" A DC 12 ? ? N1 A DC 12 ? ? 111.29 108.30 2.99  0.30 N 
19 1 "O4'" A DG 13 ? ? "C1'" A DG 13 ? ? N9 A DG 13 ? ? 111.07 108.30 2.77  0.30 N 
20 1 N7    A DG 13 ? ? C8    A DG 13 ? ? N9 A DG 13 ? ? 117.60 113.10 4.50  0.50 N 
21 1 C8    A DG 13 ? ? N9    A DG 13 ? ? C4 A DG 13 ? ? 103.48 106.40 -2.92 0.40 N 
22 1 "O4'" B DC 14 ? ? "C1'" B DC 14 ? ? N1 B DC 14 ? ? 111.30 108.30 3.00  0.30 N 
23 1 "O4'" B DG 15 ? ? "C1'" B DG 15 ? ? N9 B DG 15 ? ? 110.66 108.30 2.36  0.30 N 
24 1 N7    B DG 15 ? ? C8    B DG 15 ? ? N9 B DG 15 ? ? 117.76 113.10 4.66  0.50 N 
25 1 C8    B DG 15 ? ? N9    B DG 15 ? ? C4 B DG 15 ? ? 103.91 106.40 -2.49 0.40 N 
26 1 "O4'" B DC 16 ? ? "C1'" B DC 16 ? ? N1 B DC 16 ? ? 111.39 108.30 3.09  0.30 N 
27 1 "O4'" B DG 17 ? ? "C1'" B DG 17 ? ? N9 B DG 17 ? ? 110.44 108.30 2.14  0.30 N 
28 1 N7    B DG 17 ? ? C8    B DG 17 ? ? N9 B DG 17 ? ? 117.72 113.10 4.62  0.50 N 
29 1 C8    B DG 17 ? ? N9    B DG 17 ? ? C4 B DG 17 ? ? 103.78 106.40 -2.62 0.40 N 
30 1 "O4'" B DG 18 ? ? "C1'" B DG 18 ? ? N9 B DG 18 ? ? 111.16 108.30 2.86  0.30 N 
31 1 N7    B DG 18 ? ? C8    B DG 18 ? ? N9 B DG 18 ? ? 117.63 113.10 4.53  0.50 N 
32 1 C8    B DG 18 ? ? N9    B DG 18 ? ? C4 B DG 18 ? ? 103.74 106.40 -2.66 0.40 N 
33 1 "O4'" B DA 19 ? ? "C1'" B DA 19 ? ? N9 B DA 19 ? ? 110.82 108.30 2.52  0.30 N 
34 1 N7    B DA 19 ? ? C8    B DA 19 ? ? N9 B DA 19 ? ? 117.44 113.80 3.64  0.50 N 
35 1 "O4'" B DA 21 ? ? "C1'" B DA 21 ? ? N9 B DA 21 ? ? 111.28 108.30 2.98  0.30 N 
36 1 N7    B DA 21 ? ? C8    B DA 21 ? ? N9 B DA 21 ? ? 117.86 113.80 4.06  0.50 N 
37 1 "O4'" B DC 22 ? ? "C1'" B DC 22 ? ? N1 B DC 22 ? ? 111.74 108.30 3.44  0.30 N 
38 1 "O4'" B DC 23 ? ? "C1'" B DC 23 ? ? N1 B DC 23 ? ? 111.18 108.30 2.88  0.30 N 
39 1 "O4'" B DG 24 ? ? "C1'" B DG 24 ? ? N9 B DG 24 ? ? 110.66 108.30 2.36  0.30 N 
40 1 N7    B DG 24 ? ? C8    B DG 24 ? ? N9 B DG 24 ? ? 117.74 113.10 4.64  0.50 N 
41 1 C8    B DG 24 ? ? N9    B DG 24 ? ? C4 B DG 24 ? ? 103.96 106.40 -2.44 0.40 N 
42 1 "O4'" B DC 25 ? ? "C1'" B DC 25 ? ? N1 B DC 25 ? ? 111.53 108.30 3.23  0.30 N 
43 1 "O4'" B DG 26 ? ? "C1'" B DG 26 ? ? N9 B DG 26 ? ? 111.01 108.30 2.71  0.30 N 
44 1 N7    B DG 26 ? ? C8    B DG 26 ? ? N9 B DG 26 ? ? 117.62 113.10 4.52  0.50 N 
45 1 C8    B DG 26 ? ? N9    B DG 26 ? ? C4 B DG 26 ? ? 103.48 106.40 -2.92 0.40 N 
# 
loop_
_pdbx_struct_mod_residue.id 
_pdbx_struct_mod_residue.label_asym_id 
_pdbx_struct_mod_residue.label_comp_id 
_pdbx_struct_mod_residue.label_seq_id 
_pdbx_struct_mod_residue.auth_asym_id 
_pdbx_struct_mod_residue.auth_comp_id 
_pdbx_struct_mod_residue.auth_seq_id 
_pdbx_struct_mod_residue.PDB_ins_code 
_pdbx_struct_mod_residue.parent_comp_id 
_pdbx_struct_mod_residue.details 
1 A P   7 A P   7  ? DG ? 
2 B DNR 7 B DNR 20 ? DC ? 
# 
_pdbx_nmr_ensemble.entry_id                             1LAS 
_pdbx_nmr_ensemble.conformers_calculated_total_number   ? 
_pdbx_nmr_ensemble.conformers_submitted_total_number    1 
_pdbx_nmr_ensemble.conformer_selection_criteria         ? 
# 
_pdbx_nmr_representative.entry_id             1LAS 
_pdbx_nmr_representative.conformer_id         1 
_pdbx_nmr_representative.selection_criteria   'minimized average structure' 
# 
loop_
_pdbx_nmr_sample_details.solution_id 
_pdbx_nmr_sample_details.contents 
_pdbx_nmr_sample_details.solvent_system 
1 '1.8mM DNA strnad, 10 mM sodium phosphate, 100 mM NaCl, 50 uM EDTA' D2O     
2 '1.8mM DNA strnad, 1 mM sodium phosphate, 100 mM NaCl, 50 uM EDTA'  H2O/D2O 
# 
loop_
_pdbx_nmr_exptl_sample_conditions.conditions_id 
_pdbx_nmr_exptl_sample_conditions.temperature 
_pdbx_nmr_exptl_sample_conditions.pressure 
_pdbx_nmr_exptl_sample_conditions.pH 
_pdbx_nmr_exptl_sample_conditions.ionic_strength 
_pdbx_nmr_exptl_sample_conditions.pressure_units 
_pdbx_nmr_exptl_sample_conditions.temperature_units 
1 303 ambient 5.2 '100 mM NaCl' ? K 
2 278 ambient 5.2 '100 mM NaCl' ? K 
# 
loop_
_pdbx_nmr_exptl.experiment_id 
_pdbx_nmr_exptl.solution_id 
_pdbx_nmr_exptl.conditions_id 
_pdbx_nmr_exptl.type 
1 1 1 '2D NOESY'    
2 1 1 DQF-COSY      
3 1 1 '31P-1H COSY' 
4 2 2 '2D NOESY'    
# 
_pdbx_nmr_refine.entry_id           1LAS 
_pdbx_nmr_refine.method             'Molecular dynamics using a simulated annealing protocol.' 
_pdbx_nmr_refine.details            ? 
_pdbx_nmr_refine.software_ordinal   1 
# 
loop_
_pdbx_nmr_software.name 
_pdbx_nmr_software.version 
_pdbx_nmr_software.classification 
_pdbx_nmr_software.authors 
_pdbx_nmr_software.ordinal 
UXNMR     3.0          collection                    Bruker            1 
Felix     '97.0, 2000' 'data analysis'               'Hare, D.'        2 
MARDIGRAS 3.2          'iterative matrix relaxation' 'Borgias & James' 3 
X-PLOR    3.8          refinement                    'Brunger, A.'     4 
# 
loop_
_chem_comp_atom.comp_id 
_chem_comp_atom.atom_id 
_chem_comp_atom.type_symbol 
_chem_comp_atom.pdbx_aromatic_flag 
_chem_comp_atom.pdbx_stereo_config 
_chem_comp_atom.pdbx_ordinal 
DA  OP3    O N N 1   
DA  P      P N N 2   
DA  OP1    O N N 3   
DA  OP2    O N N 4   
DA  "O5'"  O N N 5   
DA  "C5'"  C N N 6   
DA  "C4'"  C N R 7   
DA  "O4'"  O N N 8   
DA  "C3'"  C N S 9   
DA  "O3'"  O N N 10  
DA  "C2'"  C N N 11  
DA  "C1'"  C N R 12  
DA  N9     N Y N 13  
DA  C8     C Y N 14  
DA  N7     N Y N 15  
DA  C5     C Y N 16  
DA  C6     C Y N 17  
DA  N6     N N N 18  
DA  N1     N Y N 19  
DA  C2     C Y N 20  
DA  N3     N Y N 21  
DA  C4     C Y N 22  
DA  HOP3   H N N 23  
DA  HOP2   H N N 24  
DA  "H5'"  H N N 25  
DA  "H5''" H N N 26  
DA  "H4'"  H N N 27  
DA  "H3'"  H N N 28  
DA  "HO3'" H N N 29  
DA  "H2'"  H N N 30  
DA  "H2''" H N N 31  
DA  "H1'"  H N N 32  
DA  H8     H N N 33  
DA  H61    H N N 34  
DA  H62    H N N 35  
DA  H2     H N N 36  
DC  OP3    O N N 37  
DC  P      P N N 38  
DC  OP1    O N N 39  
DC  OP2    O N N 40  
DC  "O5'"  O N N 41  
DC  "C5'"  C N N 42  
DC  "C4'"  C N R 43  
DC  "O4'"  O N N 44  
DC  "C3'"  C N S 45  
DC  "O3'"  O N N 46  
DC  "C2'"  C N N 47  
DC  "C1'"  C N R 48  
DC  N1     N N N 49  
DC  C2     C N N 50  
DC  O2     O N N 51  
DC  N3     N N N 52  
DC  C4     C N N 53  
DC  N4     N N N 54  
DC  C5     C N N 55  
DC  C6     C N N 56  
DC  HOP3   H N N 57  
DC  HOP2   H N N 58  
DC  "H5'"  H N N 59  
DC  "H5''" H N N 60  
DC  "H4'"  H N N 61  
DC  "H3'"  H N N 62  
DC  "HO3'" H N N 63  
DC  "H2'"  H N N 64  
DC  "H2''" H N N 65  
DC  "H1'"  H N N 66  
DC  H41    H N N 67  
DC  H42    H N N 68  
DC  H5     H N N 69  
DC  H6     H N N 70  
DG  OP3    O N N 71  
DG  P      P N N 72  
DG  OP1    O N N 73  
DG  OP2    O N N 74  
DG  "O5'"  O N N 75  
DG  "C5'"  C N N 76  
DG  "C4'"  C N R 77  
DG  "O4'"  O N N 78  
DG  "C3'"  C N S 79  
DG  "O3'"  O N N 80  
DG  "C2'"  C N N 81  
DG  "C1'"  C N R 82  
DG  N9     N Y N 83  
DG  C8     C Y N 84  
DG  N7     N Y N 85  
DG  C5     C Y N 86  
DG  C6     C N N 87  
DG  O6     O N N 88  
DG  N1     N N N 89  
DG  C2     C N N 90  
DG  N2     N N N 91  
DG  N3     N N N 92  
DG  C4     C Y N 93  
DG  HOP3   H N N 94  
DG  HOP2   H N N 95  
DG  "H5'"  H N N 96  
DG  "H5''" H N N 97  
DG  "H4'"  H N N 98  
DG  "H3'"  H N N 99  
DG  "HO3'" H N N 100 
DG  "H2'"  H N N 101 
DG  "H2''" H N N 102 
DG  "H1'"  H N N 103 
DG  H8     H N N 104 
DG  H1     H N N 105 
DG  H21    H N N 106 
DG  H22    H N N 107 
DNR P      P N N 108 
DNR OP1    O N N 109 
DNR OP2    O N N 110 
DNR "O5'"  O N N 111 
DNR "C5'"  C N N 112 
DNR "C4'"  C N R 113 
DNR "O4'"  O N N 114 
DNR "C1'"  C N R 115 
DNR N1     N N N 116 
DNR C6     C N N 117 
DNR C2     C N N 118 
DNR O2     O N N 119 
DNR N3     N N N 120 
DNR C4     C N N 121 
DNR N4     N N N 122 
DNR C5     C N N 123 
DNR "C2'"  C N N 124 
DNR "C3'"  C N S 125 
DNR "O3'"  O N N 126 
DNR OP3    O N N 127 
DNR HOP2   H N N 128 
DNR "H5'"  H N N 129 
DNR "H5''" H N N 130 
DNR "H4'"  H N N 131 
DNR "H1'"  H N N 132 
DNR H6     H N N 133 
DNR HN3    H N N 134 
DNR H41    H N N 135 
DNR H42    H N N 136 
DNR H5     H N N 137 
DNR "H2'"  H N N 138 
DNR "H2''" H N N 139 
DNR "H3'"  H N N 140 
DNR "HO3'" H N N 141 
DNR HOP3   H N N 142 
DT  OP3    O N N 143 
DT  P      P N N 144 
DT  OP1    O N N 145 
DT  OP2    O N N 146 
DT  "O5'"  O N N 147 
DT  "C5'"  C N N 148 
DT  "C4'"  C N R 149 
DT  "O4'"  O N N 150 
DT  "C3'"  C N S 151 
DT  "O3'"  O N N 152 
DT  "C2'"  C N N 153 
DT  "C1'"  C N R 154 
DT  N1     N N N 155 
DT  C2     C N N 156 
DT  O2     O N N 157 
DT  N3     N N N 158 
DT  C4     C N N 159 
DT  O4     O N N 160 
DT  C5     C N N 161 
DT  C7     C N N 162 
DT  C6     C N N 163 
DT  HOP3   H N N 164 
DT  HOP2   H N N 165 
DT  "H5'"  H N N 166 
DT  "H5''" H N N 167 
DT  "H4'"  H N N 168 
DT  "H3'"  H N N 169 
DT  "HO3'" H N N 170 
DT  "H2'"  H N N 171 
DT  "H2''" H N N 172 
DT  "H1'"  H N N 173 
DT  H3     H N N 174 
DT  H71    H N N 175 
DT  H72    H N N 176 
DT  H73    H N N 177 
DT  H6     H N N 178 
P   P      P N N 179 
P   OP1    O N N 180 
P   OP2    O N N 181 
P   OP3    O N N 182 
P   "O5'"  O N N 183 
P   "C5'"  C N N 184 
P   "C4'"  C N R 185 
P   "O4'"  O N N 186 
P   "C3'"  C N S 187 
P   "O3'"  O N N 188 
P   "C2'"  C N N 189 
P   "C1'"  C N R 190 
P   N9     N Y N 191 
P   C8     C Y N 192 
P   N7     N Y N 193 
P   C5     C Y N 194 
P   C6     C N N 195 
P   O6     O N N 196 
P   N1     N N N 197 
P   C2     C N N 198 
P   N2     N N N 199 
P   N3     N N N 200 
P   C4     C Y N 201 
P   C6A    C N N 202 
P   C7A    C N N 203 
P   C8A    C N N 204 
P   HOP2   H N N 205 
P   HOP3   H N N 206 
P   "H5'"  H N N 207 
P   "H5''" H N N 208 
P   "H4'"  H N N 209 
P   "H3'"  H N N 210 
P   "HO3'" H N N 211 
P   "H2'"  H N N 212 
P   "H2''" H N N 213 
P   "H1'"  H N N 214 
P   H8     H N N 215 
P   H2     H N N 216 
P   H6A1   H N N 217 
P   H6A2   H N N 218 
P   H7A1   H N N 219 
P   H7A2   H N N 220 
P   H8A1   H N N 221 
P   H8A2   H N N 222 
# 
loop_
_chem_comp_bond.comp_id 
_chem_comp_bond.atom_id_1 
_chem_comp_bond.atom_id_2 
_chem_comp_bond.value_order 
_chem_comp_bond.pdbx_aromatic_flag 
_chem_comp_bond.pdbx_stereo_config 
_chem_comp_bond.pdbx_ordinal 
DA  OP3   P      sing N N 1   
DA  OP3   HOP3   sing N N 2   
DA  P     OP1    doub N N 3   
DA  P     OP2    sing N N 4   
DA  P     "O5'"  sing N N 5   
DA  OP2   HOP2   sing N N 6   
DA  "O5'" "C5'"  sing N N 7   
DA  "C5'" "C4'"  sing N N 8   
DA  "C5'" "H5'"  sing N N 9   
DA  "C5'" "H5''" sing N N 10  
DA  "C4'" "O4'"  sing N N 11  
DA  "C4'" "C3'"  sing N N 12  
DA  "C4'" "H4'"  sing N N 13  
DA  "O4'" "C1'"  sing N N 14  
DA  "C3'" "O3'"  sing N N 15  
DA  "C3'" "C2'"  sing N N 16  
DA  "C3'" "H3'"  sing N N 17  
DA  "O3'" "HO3'" sing N N 18  
DA  "C2'" "C1'"  sing N N 19  
DA  "C2'" "H2'"  sing N N 20  
DA  "C2'" "H2''" sing N N 21  
DA  "C1'" N9     sing N N 22  
DA  "C1'" "H1'"  sing N N 23  
DA  N9    C8     sing Y N 24  
DA  N9    C4     sing Y N 25  
DA  C8    N7     doub Y N 26  
DA  C8    H8     sing N N 27  
DA  N7    C5     sing Y N 28  
DA  C5    C6     sing Y N 29  
DA  C5    C4     doub Y N 30  
DA  C6    N6     sing N N 31  
DA  C6    N1     doub Y N 32  
DA  N6    H61    sing N N 33  
DA  N6    H62    sing N N 34  
DA  N1    C2     sing Y N 35  
DA  C2    N3     doub Y N 36  
DA  C2    H2     sing N N 37  
DA  N3    C4     sing Y N 38  
DC  OP3   P      sing N N 39  
DC  OP3   HOP3   sing N N 40  
DC  P     OP1    doub N N 41  
DC  P     OP2    sing N N 42  
DC  P     "O5'"  sing N N 43  
DC  OP2   HOP2   sing N N 44  
DC  "O5'" "C5'"  sing N N 45  
DC  "C5'" "C4'"  sing N N 46  
DC  "C5'" "H5'"  sing N N 47  
DC  "C5'" "H5''" sing N N 48  
DC  "C4'" "O4'"  sing N N 49  
DC  "C4'" "C3'"  sing N N 50  
DC  "C4'" "H4'"  sing N N 51  
DC  "O4'" "C1'"  sing N N 52  
DC  "C3'" "O3'"  sing N N 53  
DC  "C3'" "C2'"  sing N N 54  
DC  "C3'" "H3'"  sing N N 55  
DC  "O3'" "HO3'" sing N N 56  
DC  "C2'" "C1'"  sing N N 57  
DC  "C2'" "H2'"  sing N N 58  
DC  "C2'" "H2''" sing N N 59  
DC  "C1'" N1     sing N N 60  
DC  "C1'" "H1'"  sing N N 61  
DC  N1    C2     sing N N 62  
DC  N1    C6     sing N N 63  
DC  C2    O2     doub N N 64  
DC  C2    N3     sing N N 65  
DC  N3    C4     doub N N 66  
DC  C4    N4     sing N N 67  
DC  C4    C5     sing N N 68  
DC  N4    H41    sing N N 69  
DC  N4    H42    sing N N 70  
DC  C5    C6     doub N N 71  
DC  C5    H5     sing N N 72  
DC  C6    H6     sing N N 73  
DG  OP3   P      sing N N 74  
DG  OP3   HOP3   sing N N 75  
DG  P     OP1    doub N N 76  
DG  P     OP2    sing N N 77  
DG  P     "O5'"  sing N N 78  
DG  OP2   HOP2   sing N N 79  
DG  "O5'" "C5'"  sing N N 80  
DG  "C5'" "C4'"  sing N N 81  
DG  "C5'" "H5'"  sing N N 82  
DG  "C5'" "H5''" sing N N 83  
DG  "C4'" "O4'"  sing N N 84  
DG  "C4'" "C3'"  sing N N 85  
DG  "C4'" "H4'"  sing N N 86  
DG  "O4'" "C1'"  sing N N 87  
DG  "C3'" "O3'"  sing N N 88  
DG  "C3'" "C2'"  sing N N 89  
DG  "C3'" "H3'"  sing N N 90  
DG  "O3'" "HO3'" sing N N 91  
DG  "C2'" "C1'"  sing N N 92  
DG  "C2'" "H2'"  sing N N 93  
DG  "C2'" "H2''" sing N N 94  
DG  "C1'" N9     sing N N 95  
DG  "C1'" "H1'"  sing N N 96  
DG  N9    C8     sing Y N 97  
DG  N9    C4     sing Y N 98  
DG  C8    N7     doub Y N 99  
DG  C8    H8     sing N N 100 
DG  N7    C5     sing Y N 101 
DG  C5    C6     sing N N 102 
DG  C5    C4     doub Y N 103 
DG  C6    O6     doub N N 104 
DG  C6    N1     sing N N 105 
DG  N1    C2     sing N N 106 
DG  N1    H1     sing N N 107 
DG  C2    N2     sing N N 108 
DG  C2    N3     doub N N 109 
DG  N2    H21    sing N N 110 
DG  N2    H22    sing N N 111 
DG  N3    C4     sing N N 112 
DNR P     OP1    doub N N 113 
DNR P     OP2    sing N N 114 
DNR P     "O5'"  sing N N 115 
DNR P     OP3    sing N N 116 
DNR OP2   HOP2   sing N N 117 
DNR "O5'" "C5'"  sing N N 118 
DNR "C5'" "C4'"  sing N N 119 
DNR "C5'" "H5'"  sing N N 120 
DNR "C5'" "H5''" sing N N 121 
DNR "C4'" "O4'"  sing N N 122 
DNR "C4'" "C3'"  sing N N 123 
DNR "C4'" "H4'"  sing N N 124 
DNR "O4'" "C1'"  sing N N 125 
DNR "C1'" N1     sing N N 126 
DNR "C1'" "C2'"  sing N N 127 
DNR "C1'" "H1'"  sing N N 128 
DNR N1    C6     sing N N 129 
DNR N1    C2     sing N N 130 
DNR C6    C5     doub N N 131 
DNR C6    H6     sing N N 132 
DNR C2    O2     doub N N 133 
DNR C2    N3     sing N N 134 
DNR N3    C4     doub N N 135 
DNR N3    HN3    sing N N 136 
DNR C4    N4     sing N N 137 
DNR C4    C5     sing N N 138 
DNR N4    H41    sing N N 139 
DNR N4    H42    sing N N 140 
DNR C5    H5     sing N N 141 
DNR "C2'" "C3'"  sing N N 142 
DNR "C2'" "H2'"  sing N N 143 
DNR "C2'" "H2''" sing N N 144 
DNR "C3'" "O3'"  sing N N 145 
DNR "C3'" "H3'"  sing N N 146 
DNR "O3'" "HO3'" sing N N 147 
DNR OP3   HOP3   sing N N 148 
DT  OP3   P      sing N N 149 
DT  OP3   HOP3   sing N N 150 
DT  P     OP1    doub N N 151 
DT  P     OP2    sing N N 152 
DT  P     "O5'"  sing N N 153 
DT  OP2   HOP2   sing N N 154 
DT  "O5'" "C5'"  sing N N 155 
DT  "C5'" "C4'"  sing N N 156 
DT  "C5'" "H5'"  sing N N 157 
DT  "C5'" "H5''" sing N N 158 
DT  "C4'" "O4'"  sing N N 159 
DT  "C4'" "C3'"  sing N N 160 
DT  "C4'" "H4'"  sing N N 161 
DT  "O4'" "C1'"  sing N N 162 
DT  "C3'" "O3'"  sing N N 163 
DT  "C3'" "C2'"  sing N N 164 
DT  "C3'" "H3'"  sing N N 165 
DT  "O3'" "HO3'" sing N N 166 
DT  "C2'" "C1'"  sing N N 167 
DT  "C2'" "H2'"  sing N N 168 
DT  "C2'" "H2''" sing N N 169 
DT  "C1'" N1     sing N N 170 
DT  "C1'" "H1'"  sing N N 171 
DT  N1    C2     sing N N 172 
DT  N1    C6     sing N N 173 
DT  C2    O2     doub N N 174 
DT  C2    N3     sing N N 175 
DT  N3    C4     sing N N 176 
DT  N3    H3     sing N N 177 
DT  C4    O4     doub N N 178 
DT  C4    C5     sing N N 179 
DT  C5    C7     sing N N 180 
DT  C5    C6     doub N N 181 
DT  C7    H71    sing N N 182 
DT  C7    H72    sing N N 183 
DT  C7    H73    sing N N 184 
DT  C6    H6     sing N N 185 
P   P     OP1    doub N N 186 
P   P     OP2    sing N N 187 
P   P     OP3    sing N N 188 
P   P     "O5'"  sing N N 189 
P   OP2   HOP2   sing N N 190 
P   OP3   HOP3   sing N N 191 
P   "O5'" "C5'"  sing N N 192 
P   "C5'" "C4'"  sing N N 193 
P   "C5'" "H5'"  sing N N 194 
P   "C5'" "H5''" sing N N 195 
P   "C4'" "O4'"  sing N N 196 
P   "C4'" "C3'"  sing N N 197 
P   "C4'" "H4'"  sing N N 198 
P   "O4'" "C1'"  sing N N 199 
P   "C3'" "O3'"  sing N N 200 
P   "C3'" "C2'"  sing N N 201 
P   "C3'" "H3'"  sing N N 202 
P   "O3'" "HO3'" sing N N 203 
P   "C2'" "C1'"  sing N N 204 
P   "C2'" "H2'"  sing N N 205 
P   "C2'" "H2''" sing N N 206 
P   "C1'" N9     sing N N 207 
P   "C1'" "H1'"  sing N N 208 
P   N9    C8     sing Y N 209 
P   N9    C4     sing Y N 210 
P   C8    N7     doub Y N 211 
P   C8    H8     sing N N 212 
P   N7    C5     sing Y N 213 
P   C5    C6     sing N N 214 
P   C5    C4     doub Y N 215 
P   C6    O6     doub N N 216 
P   C6    N1     sing N N 217 
P   N1    C2     sing N N 218 
P   N1    C8A    sing N N 219 
P   C2    N2     sing N N 220 
P   C2    N3     doub N N 221 
P   N2    C6A    sing N N 222 
P   N2    H2     sing N N 223 
P   N3    C4     sing N N 224 
P   C6A   C7A    sing N N 225 
P   C6A   H6A1   sing N N 226 
P   C6A   H6A2   sing N N 227 
P   C7A   C8A    sing N N 228 
P   C7A   H7A1   sing N N 229 
P   C7A   H7A2   sing N N 230 
P   C8A   H8A1   sing N N 231 
P   C8A   H8A2   sing N N 232 
# 
loop_
_ndb_struct_conf_na.entry_id 
_ndb_struct_conf_na.feature 
1LAS 'double helix'        
1LAS 'b-form double helix' 
# 
loop_
_ndb_struct_na_base_pair.model_number 
_ndb_struct_na_base_pair.i_label_asym_id 
_ndb_struct_na_base_pair.i_label_comp_id 
_ndb_struct_na_base_pair.i_label_seq_id 
_ndb_struct_na_base_pair.i_symmetry 
_ndb_struct_na_base_pair.j_label_asym_id 
_ndb_struct_na_base_pair.j_label_comp_id 
_ndb_struct_na_base_pair.j_label_seq_id 
_ndb_struct_na_base_pair.j_symmetry 
_ndb_struct_na_base_pair.shear 
_ndb_struct_na_base_pair.stretch 
_ndb_struct_na_base_pair.stagger 
_ndb_struct_na_base_pair.buckle 
_ndb_struct_na_base_pair.propeller 
_ndb_struct_na_base_pair.opening 
_ndb_struct_na_base_pair.pair_number 
_ndb_struct_na_base_pair.pair_name 
_ndb_struct_na_base_pair.i_auth_asym_id 
_ndb_struct_na_base_pair.i_auth_seq_id 
_ndb_struct_na_base_pair.i_PDB_ins_code 
_ndb_struct_na_base_pair.j_auth_asym_id 
_ndb_struct_na_base_pair.j_auth_seq_id 
_ndb_struct_na_base_pair.j_PDB_ins_code 
_ndb_struct_na_base_pair.hbond_type_28 
_ndb_struct_na_base_pair.hbond_type_12 
1 A DC 1  1_555 B DG  13 1_555 0.082  -0.044 0.725  -28.889 -2.404  -3.670 1  A_DC1:DG26_B  A 1  ? B 26 ? 19 1 
1 A DG 2  1_555 B DC  12 1_555 -0.133 -0.122 0.032  -14.067 -6.571  -2.045 2  A_DG2:DC25_B  A 2  ? B 25 ? 19 1 
1 A DC 3  1_555 B DG  11 1_555 0.138  -0.113 0.029  1.189   -4.710  -2.921 3  A_DC3:DG24_B  A 3  ? B 24 ? 19 1 
1 A DG 4  1_555 B DC  10 1_555 -0.111 -0.114 0.260  8.640   -5.620  -3.313 4  A_DG4:DC23_B  A 4  ? B 23 ? 19 1 
1 A DG 5  1_555 B DC  9  1_555 -0.133 -0.070 0.390  15.243  -7.938  -1.886 5  A_DG5:DC22_B  A 5  ? B 22 ? 19 1 
1 A DT 6  1_555 B DA  8  1_555 0.031  -0.178 0.080  19.148  -20.644 -4.034 6  A_DT6:DA21_B  A 6  ? B 21 ? 20 1 
1 A P  7  1_555 B DNR 7  1_555 0.691  -3.636 -0.915 19.962  2.310   76.981 7  A_P7:DNR20_B  A 7  ? B 20 ? ?  ? 
1 A DT 8  1_555 B DA  6  1_555 -0.088 -0.148 -0.064 1.971   -16.690 2.742  8  A_DT8:DA19_B  A 8  ? B 19 ? 20 1 
1 A DC 9  1_555 B DG  5  1_555 0.170  -0.135 -0.291 8.836   -22.390 1.218  9  A_DC9:DG18_B  A 9  ? B 18 ? 19 1 
1 A DC 10 1_555 B DG  4  1_555 0.151  -0.109 0.099  2.317   -16.678 -1.539 10 A_DC10:DG17_B A 10 ? B 17 ? 19 1 
1 A DG 11 1_555 B DC  3  1_555 -0.130 -0.111 0.392  5.694   -8.111  -2.375 11 A_DG11:DC16_B A 11 ? B 16 ? 19 1 
1 A DC 12 1_555 B DG  2  1_555 0.145  -0.120 0.171  11.563  -3.249  -3.143 12 A_DC12:DG15_B A 12 ? B 15 ? 19 1 
1 A DG 13 1_555 B DC  1  1_555 -0.023 -0.084 0.688  25.913  -7.524  -3.834 13 A_DG13:DC14_B A 13 ? B 14 ? 19 1 
# 
loop_
_ndb_struct_na_base_pair_step.model_number 
_ndb_struct_na_base_pair_step.i_label_asym_id_1 
_ndb_struct_na_base_pair_step.i_label_comp_id_1 
_ndb_struct_na_base_pair_step.i_label_seq_id_1 
_ndb_struct_na_base_pair_step.i_symmetry_1 
_ndb_struct_na_base_pair_step.j_label_asym_id_1 
_ndb_struct_na_base_pair_step.j_label_comp_id_1 
_ndb_struct_na_base_pair_step.j_label_seq_id_1 
_ndb_struct_na_base_pair_step.j_symmetry_1 
_ndb_struct_na_base_pair_step.i_label_asym_id_2 
_ndb_struct_na_base_pair_step.i_label_comp_id_2 
_ndb_struct_na_base_pair_step.i_label_seq_id_2 
_ndb_struct_na_base_pair_step.i_symmetry_2 
_ndb_struct_na_base_pair_step.j_label_asym_id_2 
_ndb_struct_na_base_pair_step.j_label_comp_id_2 
_ndb_struct_na_base_pair_step.j_label_seq_id_2 
_ndb_struct_na_base_pair_step.j_symmetry_2 
_ndb_struct_na_base_pair_step.shift 
_ndb_struct_na_base_pair_step.slide 
_ndb_struct_na_base_pair_step.rise 
_ndb_struct_na_base_pair_step.tilt 
_ndb_struct_na_base_pair_step.roll 
_ndb_struct_na_base_pair_step.twist 
_ndb_struct_na_base_pair_step.x_displacement 
_ndb_struct_na_base_pair_step.y_displacement 
_ndb_struct_na_base_pair_step.helical_rise 
_ndb_struct_na_base_pair_step.inclination 
_ndb_struct_na_base_pair_step.tip 
_ndb_struct_na_base_pair_step.helical_twist 
_ndb_struct_na_base_pair_step.step_number 
_ndb_struct_na_base_pair_step.step_name 
_ndb_struct_na_base_pair_step.i_auth_asym_id_1 
_ndb_struct_na_base_pair_step.i_auth_seq_id_1 
_ndb_struct_na_base_pair_step.i_PDB_ins_code_1 
_ndb_struct_na_base_pair_step.j_auth_asym_id_1 
_ndb_struct_na_base_pair_step.j_auth_seq_id_1 
_ndb_struct_na_base_pair_step.j_PDB_ins_code_1 
_ndb_struct_na_base_pair_step.i_auth_asym_id_2 
_ndb_struct_na_base_pair_step.i_auth_seq_id_2 
_ndb_struct_na_base_pair_step.i_PDB_ins_code_2 
_ndb_struct_na_base_pair_step.j_auth_asym_id_2 
_ndb_struct_na_base_pair_step.j_auth_seq_id_2 
_ndb_struct_na_base_pair_step.j_PDB_ins_code_2 
1 A DC 1  1_555 B DG  13 1_555 A DG 2  1_555 B DC  12 1_555 -0.150 0.222  2.894  2.181   -2.522   38.765   0.603  0.459  2.862  
-3.791  -3.279  38.903   1  AA_DC1DG2:DC25DG26_BB   A 1  ? B 26 ? A 2  ? B 25 ? 
1 A DG 2  1_555 B DC  12 1_555 A DC 3  1_555 B DG  11 1_555 -0.066 1.002  2.893  -0.161  -3.531   35.781   2.061  0.086  2.785  
-5.730  0.261   35.950   2  AA_DG2DC3:DG24DC25_BB   A 2  ? B 25 ? A 3  ? B 24 ? 
1 A DC 3  1_555 B DG  11 1_555 A DG 4  1_555 B DC  10 1_555 0.545  -0.159 2.945  1.751   4.183    36.418   -0.768 -0.649 2.932  
6.661   -2.789  36.689   3  AA_DC3DG4:DC23DG24_BB   A 3  ? B 24 ? A 4  ? B 23 ? 
1 A DG 4  1_555 B DC  10 1_555 A DG 5  1_555 B DC  9  1_555 0.121  0.333  2.973  0.367   0.007    38.919   0.499  -0.141 2.974  
0.011   -0.551  38.920   4  AA_DG4DG5:DC22DC23_BB   A 4  ? B 23 ? A 5  ? B 22 ? 
1 A DG 5  1_555 B DC  9  1_555 A DT 6  1_555 B DA  8  1_555 0.420  0.346  3.219  4.823   -11.794  38.297   1.809  -0.076 3.017  
-17.400 -7.116  40.285   5  AA_DG5DT6:DA21DC22_BB   A 5  ? B 22 ? A 6  ? B 21 ? 
1 A DT 6  1_555 B DA  8  1_555 A P  7  1_555 B DNR 7  1_555 -3.189 3.988  -0.128 173.517 1.255    -174.949 -1.994 -1.596 0.011  
-0.628  86.762  -179.715 6  AA_DT6P7:DNR20DA21_BB   A 6  ? B 21 ? A 7  ? B 20 ? 
1 A P  7  1_555 B DNR 7  1_555 A DT 8  1_555 B DA  6  1_555 -0.531 -3.438 -1.136 135.348 -100.459 172.452  -1.740 0.237  -1.027 
-50.237 -67.684 179.248  7  AA_P7DT8:DA19DNR20_BB   A 7  ? B 20 ? A 8  ? B 19 ? 
1 A DT 8  1_555 B DA  6  1_555 A DC 9  1_555 B DG  5  1_555 -0.341 0.586  2.893  -0.194  -0.895   39.771   0.952  0.482  2.881  
-1.316  0.285   39.781   8  AA_DT8DC9:DG18DA19_BB   A 8  ? B 19 ? A 9  ? B 18 ? 
1 A DC 9  1_555 B DG  5  1_555 A DC 10 1_555 B DG  4  1_555 -0.454 0.395  3.429  -1.706  2.240    38.269   0.306  0.467  3.462  
3.411   2.598   38.369   9  AA_DC9DC10:DG17DG18_BB  A 9  ? B 18 ? A 10 ? B 17 ? 
1 A DC 10 1_555 B DG  4  1_555 A DG 11 1_555 B DC  3  1_555 0.211  0.550  3.175  -1.086  3.006    39.078   0.469  -0.441 3.200  
4.485   1.621   39.203   10 AA_DC10DG11:DC16DG17_BB A 10 ? B 17 ? A 11 ? B 16 ? 
1 A DG 11 1_555 B DC  3  1_555 A DC 12 1_555 B DG  2  1_555 -0.175 0.647  3.191  -0.862  -9.285   38.161   2.021  0.162  2.963  
-13.949 1.294   39.242   11 AA_DG11DC12:DG15DC16_BB A 11 ? B 16 ? A 12 ? B 15 ? 
1 A DC 12 1_555 B DG  2  1_555 A DG 13 1_555 B DC  1  1_555 0.368  0.385  2.825  0.875   -0.527   39.255   0.628  -0.457 2.827  
-0.784  -1.302  39.268   12 AA_DC12DG13:DC14DG15_BB A 12 ? B 15 ? A 13 ? B 14 ? 
# 
_pdbx_nmr_spectrometer.spectrometer_id   1 
_pdbx_nmr_spectrometer.type              ? 
_pdbx_nmr_spectrometer.manufacturer      Bruker 
_pdbx_nmr_spectrometer.model             DRX 
_pdbx_nmr_spectrometer.field_strength    500 
# 
_atom_sites.entry_id                    1LAS 
_atom_sites.fract_transf_matrix[1][1]   1.000000 
_atom_sites.fract_transf_matrix[1][2]   0.000000 
_atom_sites.fract_transf_matrix[1][3]   0.000000 
_atom_sites.fract_transf_matrix[2][1]   0.000000 
_atom_sites.fract_transf_matrix[2][2]   1.000000 
_atom_sites.fract_transf_matrix[2][3]   0.000000 
_atom_sites.fract_transf_matrix[3][1]   0.000000 
_atom_sites.fract_transf_matrix[3][2]   0.000000 
_atom_sites.fract_transf_matrix[3][3]   1.000000 
_atom_sites.fract_transf_vector[1]      0.00000 
_atom_sites.fract_transf_vector[2]      0.00000 
_atom_sites.fract_transf_vector[3]      0.00000 
# 
loop_
_atom_type.symbol 
C 
H 
N 
O 
P 
# 
loop_
_atom_site.group_PDB 
_atom_site.id 
_atom_site.type_symbol 
_atom_site.label_atom_id 
_atom_site.label_alt_id 
_atom_site.label_comp_id 
_atom_site.label_asym_id 
_atom_site.label_entity_id 
_atom_site.label_seq_id 
_atom_site.pdbx_PDB_ins_code 
_atom_site.Cartn_x 
_atom_site.Cartn_y 
_atom_site.Cartn_z 
_atom_site.occupancy 
_atom_site.B_iso_or_equiv 
_atom_site.pdbx_formal_charge 
_atom_site.auth_seq_id 
_atom_site.auth_comp_id 
_atom_site.auth_asym_id 
_atom_site.auth_atom_id 
_atom_site.pdbx_PDB_model_num 
ATOM   1   O "O5'"  . DC  A 1 1  ? 16.581  -14.384 3.247   1.00 1.32 ? 1  DC  A "O5'"  1 
ATOM   2   C "C5'"  . DC  A 1 1  ? 16.672  -15.798 3.050   1.00 1.44 ? 1  DC  A "C5'"  1 
ATOM   3   C "C4'"  . DC  A 1 1  ? 15.293  -16.458 3.039   1.00 1.37 ? 1  DC  A "C4'"  1 
ATOM   4   O "O4'"  . DC  A 1 1  ? 14.609  -16.247 4.303   1.00 1.32 ? 1  DC  A "O4'"  1 
ATOM   5   C "C3'"  . DC  A 1 1  ? 14.406  -15.850 1.969   1.00 1.24 ? 1  DC  A "C3'"  1 
ATOM   6   O "O3'"  . DC  A 1 1  ? 13.481  -16.820 1.452   1.00 1.28 ? 1  DC  A "O3'"  1 
ATOM   7   C "C2'"  . DC  A 1 1  ? 13.704  -14.749 2.702   1.00 1.09 ? 1  DC  A "C2'"  1 
ATOM   8   C "C1'"  . DC  A 1 1  ? 13.538  -15.283 4.112   1.00 1.14 ? 1  DC  A "C1'"  1 
ATOM   9   N N1     . DC  A 1 1  ? 13.630  -14.195 5.106   1.00 1.08 ? 1  DC  A N1     1 
ATOM   10  C C2     . DC  A 1 1  ? 12.546  -13.987 5.951   1.00 1.02 ? 1  DC  A C2     1 
ATOM   11  O O2     . DC  A 1 1  ? 11.544  -14.696 5.865   1.00 1.03 ? 1  DC  A O2     1 
ATOM   12  N N3     . DC  A 1 1  ? 12.630  -12.986 6.869   1.00 0.98 ? 1  DC  A N3     1 
ATOM   13  C C4     . DC  A 1 1  ? 13.727  -12.223 6.958   1.00 1.02 ? 1  DC  A C4     1 
ATOM   14  N N4     . DC  A 1 1  ? 13.777  -11.253 7.872   1.00 1.02 ? 1  DC  A N4     1 
ATOM   15  C C5     . DC  A 1 1  ? 14.843  -12.434 6.090   1.00 1.09 ? 1  DC  A C5     1 
ATOM   16  C C6     . DC  A 1 1  ? 14.751  -13.427 5.185   1.00 1.12 ? 1  DC  A C6     1 
ATOM   17  H "H5'"  . DC  A 1 1  ? 17.266  -16.230 3.855   1.00 1.55 ? 1  DC  A "H5'"  1 
ATOM   18  H "H5''" . DC  A 1 1  ? 17.167  -15.992 2.099   1.00 1.49 ? 1  DC  A "H5''" 1 
ATOM   19  H "H4'"  . DC  A 1 1  ? 15.401  -17.527 2.863   1.00 1.48 ? 1  DC  A "H4'"  1 
ATOM   20  H "H3'"  . DC  A 1 1  ? 15.019  -15.436 1.164   1.00 1.26 ? 1  DC  A "H3'"  1 
ATOM   21  H "H2'"  . DC  A 1 1  ? 14.318  -13.849 2.706   1.00 1.06 ? 1  DC  A "H2'"  1 
ATOM   22  H "H2''" . DC  A 1 1  ? 12.736  -14.545 2.254   1.00 1.01 ? 1  DC  A "H2''" 1 
ATOM   23  H "H1'"  . DC  A 1 1  ? 12.577  -15.782 4.203   1.00 1.13 ? 1  DC  A "H1'"  1 
ATOM   24  H H41    . DC  A 1 1  ? 12.992  -11.099 8.490   1.00 0.98 ? 1  DC  A H41    1 
ATOM   25  H H42    . DC  A 1 1  ? 14.600  -10.672 7.948   1.00 1.07 ? 1  DC  A H42    1 
ATOM   26  H H5     . DC  A 1 1  ? 15.737  -11.815 6.157   1.00 1.15 ? 1  DC  A H5     1 
ATOM   27  H H6     . DC  A 1 1  ? 15.580  -13.624 4.506   1.00 1.19 ? 1  DC  A H6     1 
ATOM   28  H "HO5'" . DC  A 1 1  ? 16.115  -14.021 2.490   1.00 1.61 ? 1  DC  A "HO5'" 1 
ATOM   29  P P      . DG  A 1 2  ? 12.272  -16.387 0.473   1.00 1.20 ? 2  DG  A P      1 
ATOM   30  O OP1    . DG  A 1 2  ? 11.991  -17.517 -0.441  1.00 1.79 ? 2  DG  A OP1    1 
ATOM   31  O OP2    . DG  A 1 2  ? 12.576  -15.048 -0.083  1.00 1.74 ? 2  DG  A OP2    1 
ATOM   32  O "O5'"  . DG  A 1 2  ? 11.030  -16.239 1.490   1.00 1.12 ? 2  DG  A "O5'"  1 
ATOM   33  C "C5'"  . DG  A 1 2  ? 10.534  -17.383 2.194   1.00 1.18 ? 2  DG  A "C5'"  1 
ATOM   34  C "C4'"  . DG  A 1 2  ? 9.123   -17.155 2.735   1.00 1.08 ? 2  DG  A "C4'"  1 
ATOM   35  O "O4'"  . DG  A 1 2  ? 9.157   -16.292 3.893   1.00 0.98 ? 2  DG  A "O4'"  1 
ATOM   36  C "C3'"  . DG  A 1 2  ? 8.240   -16.505 1.683   1.00 1.04 ? 2  DG  A "C3'"  1 
ATOM   37  O "O3'"  . DG  A 1 2  ? 6.980   -17.190 1.579   1.00 1.05 ? 2  DG  A "O3'"  1 
ATOM   38  C "C2'"  . DG  A 1 2  ? 8.051   -15.094 2.159   1.00 0.92 ? 2  DG  A "C2'"  1 
ATOM   39  C "C1'"  . DG  A 1 2  ? 8.417   -15.085 3.630   1.00 0.87 ? 2  DG  A "C1'"  1 
ATOM   40  N N9     . DG  A 1 2  ? 9.218   -13.900 3.962   1.00 0.78 ? 2  DG  A N9     1 
ATOM   41  C C8     . DG  A 1 2  ? 10.267  -13.374 3.302   1.00 0.76 ? 2  DG  A C8     1 
ATOM   42  N N7     . DG  A 1 2  ? 10.835  -12.331 3.811   1.00 0.69 ? 2  DG  A N7     1 
ATOM   43  C C5     . DG  A 1 2  ? 10.067  -12.128 4.963   1.00 0.66 ? 2  DG  A C5     1 
ATOM   44  C C6     . DG  A 1 2  ? 10.179  -11.131 5.968   1.00 0.61 ? 2  DG  A C6     1 
ATOM   45  O O6     . DG  A 1 2  ? 10.995  -10.217 6.049   1.00 0.57 ? 2  DG  A O6     1 
ATOM   46  N N1     . DG  A 1 2  ? 9.209   -11.288 6.950   1.00 0.65 ? 2  DG  A N1     1 
ATOM   47  C C2     . DG  A 1 2  ? 8.247   -12.278 6.968   1.00 0.73 ? 2  DG  A C2     1 
ATOM   48  N N2     . DG  A 1 2  ? 7.397   -12.260 7.995   1.00 0.79 ? 2  DG  A N2     1 
ATOM   49  N N3     . DG  A 1 2  ? 8.137   -13.218 6.027   1.00 0.76 ? 2  DG  A N3     1 
ATOM   50  C C4     . DG  A 1 2  ? 9.072   -13.086 5.059   1.00 0.73 ? 2  DG  A C4     1 
ATOM   51  H "H5'"  . DG  A 1 2  ? 11.199  -17.594 3.028   1.00 1.21 ? 2  DG  A "H5'"  1 
ATOM   52  H "H5''" . DG  A 1 2  ? 10.522  -18.239 1.518   1.00 1.28 ? 2  DG  A "H5''" 1 
ATOM   53  H "H4'"  . DG  A 1 2  ? 8.688   -18.111 3.019   1.00 1.13 ? 2  DG  A "H4'"  1 
ATOM   54  H "H3'"  . DG  A 1 2  ? 8.750   -16.505 0.717   1.00 1.12 ? 2  DG  A "H3'"  1 
ATOM   55  H "H2'"  . DG  A 1 2  ? 8.708   -14.426 1.604   1.00 0.90 ? 2  DG  A "H2'"  1 
ATOM   56  H "H2''" . DG  A 1 2  ? 7.027   -14.794 2.032   1.00 0.92 ? 2  DG  A "H2''" 1 
ATOM   57  H "H1'"  . DG  A 1 2  ? 7.511   -15.081 4.229   1.00 0.87 ? 2  DG  A "H1'"  1 
ATOM   58  H H8     . DG  A 1 2  ? 10.610  -13.814 2.367   1.00 0.82 ? 2  DG  A H8     1 
ATOM   59  H H1     . DG  A 1 2  ? 9.233   -10.619 7.706   1.00 0.65 ? 2  DG  A H1     1 
ATOM   60  H H21    . DG  A 1 2  ? 7.482   -11.551 8.708   1.00 0.79 ? 2  DG  A H21    1 
ATOM   61  H H22    . DG  A 1 2  ? 6.670   -12.958 8.060   1.00 0.86 ? 2  DG  A H22    1 
ATOM   62  P P      . DC  A 1 3  ? 5.794   -16.635 0.632   1.00 1.04 ? 3  DC  A P      1 
ATOM   63  O OP1    . DC  A 1 3  ? 5.090   -17.796 0.043   1.00 1.62 ? 3  DC  A OP1    1 
ATOM   64  O OP2    . DC  A 1 3  ? 6.354   -15.588 -0.255  1.00 1.77 ? 3  DC  A OP2    1 
ATOM   65  O "O5'"  . DC  A 1 3  ? 4.798   -15.922 1.684   1.00 0.86 ? 3  DC  A "O5'"  1 
ATOM   66  C "C5'"  . DC  A 1 3  ? 4.057   -16.704 2.628   1.00 0.88 ? 3  DC  A "C5'"  1 
ATOM   67  C "C4'"  . DC  A 1 3  ? 3.385   -15.836 3.693   1.00 0.76 ? 3  DC  A "C4'"  1 
ATOM   68  O "O4'"  . DC  A 1 3  ? 4.345   -14.949 4.317   1.00 0.64 ? 3  DC  A "O4'"  1 
ATOM   69  C "C3'"  . DC  A 1 3  ? 2.275   -14.986 3.109   1.00 0.77 ? 3  DC  A "C3'"  1 
ATOM   70  O "O3'"  . DC  A 1 3  ? 1.069   -15.116 3.876   1.00 0.79 ? 3  DC  A "O3'"  1 
ATOM   71  C "C2'"  . DC  A 1 3  ? 2.797   -13.584 3.147   1.00 0.67 ? 3  DC  A "C2'"  1 
ATOM   72  C "C1'"  . DC  A 1 3  ? 3.913   -13.579 4.164   1.00 0.55 ? 3  DC  A "C1'"  1 
ATOM   73  N N1     . DC  A 1 3  ? 5.034   -12.704 3.738   1.00 0.50 ? 3  DC  A N1     1 
ATOM   74  C C2     . DC  A 1 3  ? 5.495   -11.755 4.646   1.00 0.39 ? 3  DC  A C2     1 
ATOM   75  O O2     . DC  A 1 3  ? 4.973   -11.651 5.756   1.00 0.38 ? 3  DC  A O2     1 
ATOM   76  N N3     . DC  A 1 3  ? 6.526   -10.951 4.270   1.00 0.34 ? 3  DC  A N3     1 
ATOM   77  C C4     . DC  A 1 3  ? 7.087   -11.065 3.060   1.00 0.41 ? 3  DC  A C4     1 
ATOM   78  N N4     . DC  A 1 3  ? 8.098   -10.264 2.725   1.00 0.40 ? 3  DC  A N4     1 
ATOM   79  C C5     . DC  A 1 3  ? 6.618   -12.037 2.123   1.00 0.55 ? 3  DC  A C5     1 
ATOM   80  C C6     . DC  A 1 3  ? 5.597   -12.830 2.499   1.00 0.58 ? 3  DC  A C6     1 
ATOM   81  H "H5'"  . DC  A 1 3  ? 4.738   -17.400 3.119   1.00 0.91 ? 3  DC  A "H5'"  1 
ATOM   82  H "H5''" . DC  A 1 3  ? 3.292   -17.272 2.097   1.00 0.98 ? 3  DC  A "H5''" 1 
ATOM   83  H "H4'"  . DC  A 1 3  ? 2.954   -16.474 4.449   1.00 0.78 ? 3  DC  A "H4'"  1 
ATOM   84  H "H3'"  . DC  A 1 3  ? 2.096   -15.283 2.081   1.00 0.87 ? 3  DC  A "H3'"  1 
ATOM   85  H "H2'"  . DC  A 1 3  ? 3.177   -13.317 2.176   1.00 0.72 ? 3  DC  A "H2'"  1 
ATOM   86  H "H2''" . DC  A 1 3  ? 2.014   -12.895 3.447   1.00 0.67 ? 3  DC  A "H2''" 1 
ATOM   87  H "H1'"  . DC  A 1 3  ? 3.518   -13.223 5.107   1.00 0.51 ? 3  DC  A "H1'"  1 
ATOM   88  H H41    . DC  A 1 3  ? 8.436   -9.575  3.382   1.00 0.32 ? 3  DC  A H41    1 
ATOM   89  H H42    . DC  A 1 3  ? 8.528   -10.346 1.816   1.00 0.48 ? 3  DC  A H42    1 
ATOM   90  H H5     . DC  A 1 3  ? 7.072   -12.133 1.136   1.00 0.64 ? 3  DC  A H5     1 
ATOM   91  H H6     . DC  A 1 3  ? 5.216   -13.577 1.806   1.00 0.69 ? 3  DC  A H6     1 
ATOM   92  P P      . DG  A 1 4  ? -0.192  -14.142 3.620   1.00 0.83 ? 4  DG  A P      1 
ATOM   93  O OP1    . DG  A 1 4  ? -1.389  -14.764 4.230   1.00 1.22 ? 4  DG  A OP1    1 
ATOM   94  O OP2    . DG  A 1 4  ? -0.206  -13.764 2.189   1.00 1.86 ? 4  DG  A OP2    1 
ATOM   95  O "O5'"  . DG  A 1 4  ? 0.195   -12.836 4.483   1.00 0.71 ? 4  DG  A "O5'"  1 
ATOM   96  C "C5'"  . DG  A 1 4  ? 0.224   -12.899 5.912   1.00 0.70 ? 4  DG  A "C5'"  1 
ATOM   97  C "C4'"  . DG  A 1 4  ? 0.228   -11.511 6.551   1.00 0.67 ? 4  DG  A "C4'"  1 
ATOM   98  O "O4'"  . DG  A 1 4  ? 1.483   -10.821 6.313   1.00 0.62 ? 4  DG  A "O4'"  1 
ATOM   99  C "C3'"  . DG  A 1 4  ? -0.879  -10.641 5.980   1.00 0.70 ? 4  DG  A "C3'"  1 
ATOM   100 O "O3'"  . DG  A 1 4  ? -1.503  -9.875  7.022   1.00 0.74 ? 4  DG  A "O3'"  1 
ATOM   101 C "C2'"  . DG  A 1 4  ? -0.164  -9.763  4.992   1.00 0.67 ? 4  DG  A "C2'"  1 
ATOM   102 C "C1'"  . DG  A 1 4  ? 1.230   -9.611  5.564   1.00 0.61 ? 4  DG  A "C1'"  1 
ATOM   103 N N9     . DG  A 1 4  ? 2.241   -9.425  4.506   1.00 0.58 ? 4  DG  A N9     1 
ATOM   104 C C8     . DG  A 1 4  ? 2.341   -10.019 3.292   1.00 0.61 ? 4  DG  A C8     1 
ATOM   105 N N7     . DG  A 1 4  ? 3.353   -9.707  2.555   1.00 0.60 ? 4  DG  A N7     1 
ATOM   106 C C5     . DG  A 1 4  ? 4.022   -8.784  3.364   1.00 0.56 ? 4  DG  A C5     1 
ATOM   107 C C6     . DG  A 1 4  ? 5.221   -8.064  3.123   1.00 0.55 ? 4  DG  A C6     1 
ATOM   108 O O6     . DG  A 1 4  ? 5.946   -8.103  2.132   1.00 0.58 ? 4  DG  A O6     1 
ATOM   109 N N1     . DG  A 1 4  ? 5.546   -7.240  4.192   1.00 0.53 ? 4  DG  A N1     1 
ATOM   110 C C2     . DG  A 1 4  ? 4.812   -7.120  5.356   1.00 0.51 ? 4  DG  A C2     1 
ATOM   111 N N2     . DG  A 1 4  ? 5.284   -6.268  6.268   1.00 0.51 ? 4  DG  A N2     1 
ATOM   112 N N3     . DG  A 1 4  ? 3.684   -7.795  5.591   1.00 0.53 ? 4  DG  A N3     1 
ATOM   113 C C4     . DG  A 1 4  ? 3.346   -8.606  4.561   1.00 0.55 ? 4  DG  A C4     1 
ATOM   114 H "H5'"  . DG  A 1 4  ? 1.122   -13.433 6.223   1.00 0.70 ? 4  DG  A "H5'"  1 
ATOM   115 H "H5''" . DG  A 1 4  ? -0.652  -13.445 6.259   1.00 0.75 ? 4  DG  A "H5''" 1 
ATOM   116 H "H4'"  . DG  A 1 4  ? 0.079   -11.608 7.623   1.00 0.70 ? 4  DG  A "H4'"  1 
ATOM   117 H "H3'"  . DG  A 1 4  ? -1.618  -11.263 5.468   1.00 0.74 ? 4  DG  A "H3'"  1 
ATOM   118 H "H2'"  . DG  A 1 4  ? -0.122  -10.250 4.018   1.00 0.67 ? 4  DG  A "H2'"  1 
ATOM   119 H "H2''" . DG  A 1 4  ? -0.652  -8.798  4.913   1.00 0.69 ? 4  DG  A "H2''" 1 
ATOM   120 H "H1'"  . DG  A 1 4  ? 1.250   -8.755  6.242   1.00 0.61 ? 4  DG  A "H1'"  1 
ATOM   121 H H8     . DG  A 1 4  ? 1.589   -10.728 2.950   1.00 0.65 ? 4  DG  A H8     1 
ATOM   122 H H1     . DG  A 1 4  ? 6.390   -6.693  4.089   1.00 0.53 ? 4  DG  A H1     1 
ATOM   123 H H21    . DG  A 1 4  ? 6.137   -5.759  6.089   1.00 0.51 ? 4  DG  A H21    1 
ATOM   124 H H22    . DG  A 1 4  ? 4.788   -6.134  7.137   1.00 0.52 ? 4  DG  A H22    1 
ATOM   125 P P      . DG  A 1 5  ? -2.623  -8.761  6.697   1.00 0.63 ? 5  DG  A P      1 
ATOM   126 O OP1    . DG  A 1 5  ? -3.727  -8.918  7.671   1.00 1.58 ? 5  DG  A OP1    1 
ATOM   127 O OP2    . DG  A 1 5  ? -2.912  -8.791  5.245   1.00 1.33 ? 5  DG  A OP2    1 
ATOM   128 O "O5'"  . DG  A 1 5  ? -1.849  -7.388  7.028   1.00 0.64 ? 5  DG  A "O5'"  1 
ATOM   129 C "C5'"  . DG  A 1 5  ? -1.489  -7.060  8.376   1.00 0.67 ? 5  DG  A "C5'"  1 
ATOM   130 C "C4'"  . DG  A 1 5  ? -0.825  -5.688  8.461   1.00 0.65 ? 5  DG  A "C4'"  1 
ATOM   131 O "O4'"  . DG  A 1 5  ? 0.409   -5.663  7.703   1.00 0.62 ? 5  DG  A "O4'"  1 
ATOM   132 C "C3'"  . DG  A 1 5  ? -1.739  -4.609  7.903   1.00 0.66 ? 5  DG  A "C3'"  1 
ATOM   133 O "O3'"  . DG  A 1 5  ? -1.786  -3.474  8.784   1.00 0.71 ? 5  DG  A "O3'"  1 
ATOM   134 C "C2'"  . DG  A 1 5  ? -1.140  -4.247  6.578   1.00 0.63 ? 5  DG  A "C2'"  1 
ATOM   135 C "C1'"  . DG  A 1 5  ? 0.305   -4.709  6.627   1.00 0.60 ? 5  DG  A "C1'"  1 
ATOM   136 N N9     . DG  A 1 5  ? 0.715   -5.303  5.339   1.00 0.58 ? 5  DG  A N9     1 
ATOM   137 C C8     . DG  A 1 5  ? 0.059   -6.184  4.547   1.00 0.59 ? 5  DG  A C8     1 
ATOM   138 N N7     . DG  A 1 5  ? 0.633   -6.543  3.447   1.00 0.60 ? 5  DG  A N7     1 
ATOM   139 C C5     . DG  A 1 5  ? 1.827   -5.817  3.498   1.00 0.58 ? 5  DG  A C5     1 
ATOM   140 C C6     . DG  A 1 5  ? 2.905   -5.771  2.573   1.00 0.59 ? 5  DG  A C6     1 
ATOM   141 O O6     . DG  A 1 5  ? 3.030   -6.379  1.511   1.00 0.61 ? 5  DG  A O6     1 
ATOM   142 N N1     . DG  A 1 5  ? 3.909   -4.913  3.004   1.00 0.57 ? 5  DG  A N1     1 
ATOM   143 C C2     . DG  A 1 5  ? 3.885   -4.187  4.180   1.00 0.57 ? 5  DG  A C2     1 
ATOM   144 N N2     . DG  A 1 5  ? 4.945   -3.417  4.421   1.00 0.58 ? 5  DG  A N2     1 
ATOM   145 N N3     . DG  A 1 5  ? 2.876   -4.226  5.054   1.00 0.57 ? 5  DG  A N3     1 
ATOM   146 C C4     . DG  A 1 5  ? 1.884   -5.055  4.655   1.00 0.57 ? 5  DG  A C4     1 
ATOM   147 H "H5'"  . DG  A 1 5  ? -0.796  -7.813  8.752   1.00 0.69 ? 5  DG  A "H5'"  1 
ATOM   148 H "H5''" . DG  A 1 5  ? -2.386  -7.060  8.994   1.00 0.71 ? 5  DG  A "H5''" 1 
ATOM   149 H "H4'"  . DG  A 1 5  ? -0.606  -5.456  9.500   1.00 0.69 ? 5  DG  A "H4'"  1 
ATOM   150 H "H3'"  . DG  A 1 5  ? -2.743  -5.014  7.757   1.00 0.68 ? 5  DG  A "H3'"  1 
ATOM   151 H "H2'"  . DG  A 1 5  ? -1.672  -4.759  5.777   1.00 0.63 ? 5  DG  A "H2'"  1 
ATOM   152 H "H2''" . DG  A 1 5  ? -1.184  -3.180  6.433   1.00 0.66 ? 5  DG  A "H2''" 1 
ATOM   153 H "H1'"  . DG  A 1 5  ? 0.945   -3.853  6.845   1.00 0.61 ? 5  DG  A "H1'"  1 
ATOM   154 H H8     . DG  A 1 5  ? -0.921  -6.567  4.827   1.00 0.61 ? 5  DG  A H8     1 
ATOM   155 H H1     . DG  A 1 5  ? 4.706   -4.821  2.392   1.00 0.58 ? 5  DG  A H1     1 
ATOM   156 H H21    . DG  A 1 5  ? 5.706   -3.383  3.759   1.00 0.58 ? 5  DG  A H21    1 
ATOM   157 H H22    . DG  A 1 5  ? 4.985   -2.863  5.266   1.00 0.59 ? 5  DG  A H22    1 
ATOM   158 P P      . DT  A 1 6  ? -2.574  -2.121  8.378   1.00 0.75 ? 6  DT  A P      1 
ATOM   159 O OP1    . DT  A 1 6  ? -3.230  -1.588  9.592   1.00 1.19 ? 6  DT  A OP1    1 
ATOM   160 O OP2    . DT  A 1 6  ? -3.377  -2.392  7.164   1.00 1.75 ? 6  DT  A OP2    1 
ATOM   161 O "O5'"  . DT  A 1 6  ? -1.373  -1.121  7.973   1.00 0.74 ? 6  DT  A "O5'"  1 
ATOM   162 C "C5'"  . DT  A 1 6  ? -0.342  -0.807  8.917   1.00 0.78 ? 6  DT  A "C5'"  1 
ATOM   163 C "C4'"  . DT  A 1 6  ? 0.938   -0.336  8.227   1.00 0.76 ? 6  DT  A "C4'"  1 
ATOM   164 O "O4'"  . DT  A 1 6  ? 1.308   -1.247  7.166   1.00 0.74 ? 6  DT  A "O4'"  1 
ATOM   165 C "C3'"  . DT  A 1 6  ? 0.767   1.053   7.616   1.00 0.75 ? 6  DT  A "C3'"  1 
ATOM   166 O "O3'"  . DT  A 1 6  ? 1.816   1.927   8.078   1.00 0.77 ? 6  DT  A "O3'"  1 
ATOM   167 C "C2'"  . DT  A 1 6  ? 0.835   0.836   6.126   1.00 0.72 ? 6  DT  A "C2'"  1 
ATOM   168 C "C1'"  . DT  A 1 6  ? 1.490   -0.513  5.938   1.00 0.71 ? 6  DT  A "C1'"  1 
ATOM   169 N N1     . DT  A 1 6  ? 0.920   -1.239  4.784   1.00 0.69 ? 6  DT  A N1     1 
ATOM   170 C C2     . DT  A 1 6  ? 1.801   -1.627  3.792   1.00 0.67 ? 6  DT  A C2     1 
ATOM   171 O O2     . DT  A 1 6  ? 2.998   -1.348  3.833   1.00 0.68 ? 6  DT  A O2     1 
ATOM   172 N N3     . DT  A 1 6  ? 1.255   -2.336  2.742   1.00 0.66 ? 6  DT  A N3     1 
ATOM   173 C C4     . DT  A 1 6  ? -0.073  -2.687  2.595   1.00 0.65 ? 6  DT  A C4     1 
ATOM   174 O O4     . DT  A 1 6  ? -0.443  -3.336  1.619   1.00 0.65 ? 6  DT  A O4     1 
ATOM   175 C C5     . DT  A 1 6  ? -0.923  -2.236  3.675   1.00 0.67 ? 6  DT  A C5     1 
ATOM   176 C C7     . DT  A 1 6  ? -2.417  -2.547  3.636   1.00 0.68 ? 6  DT  A C7     1 
ATOM   177 C C6     . DT  A 1 6  ? -0.416  -1.540  4.714   1.00 0.69 ? 6  DT  A C6     1 
ATOM   178 H "H5'"  . DT  A 1 6  ? -0.118  -1.698  9.503   1.00 0.80 ? 6  DT  A "H5'"  1 
ATOM   179 H "H5''" . DT  A 1 6  ? -0.698  -0.023  9.586   1.00 0.80 ? 6  DT  A "H5''" 1 
ATOM   180 H "H4'"  . DT  A 1 6  ? 1.741   -0.300  8.958   1.00 0.79 ? 6  DT  A "H4'"  1 
ATOM   181 H "H3'"  . DT  A 1 6  ? -0.207  1.457   7.885   1.00 0.75 ? 6  DT  A "H3'"  1 
ATOM   182 H "H2'"  . DT  A 1 6  ? -0.171  0.829   5.711   1.00 0.72 ? 6  DT  A "H2'"  1 
ATOM   183 H "H2''" . DT  A 1 6  ? 1.426   1.611   5.650   1.00 0.73 ? 6  DT  A "H2''" 1 
ATOM   184 H "H1'"  . DT  A 1 6  ? 2.558   -0.365  5.772   1.00 0.71 ? 6  DT  A "H1'"  1 
ATOM   185 H H3     . DT  A 1 6  ? 1.887   -2.617  2.007   1.00 0.66 ? 6  DT  A H3     1 
ATOM   186 H H71    . DT  A 1 6  ? -2.635  -3.180  2.776   1.00 1.19 ? 6  DT  A H71    1 
ATOM   187 H H72    . DT  A 1 6  ? -2.980  -1.618  3.555   1.00 1.25 ? 6  DT  A H72    1 
ATOM   188 H H73    . DT  A 1 6  ? -2.705  -3.066  4.551   1.00 1.22 ? 6  DT  A H73    1 
ATOM   189 H H6     . DT  A 1 6  ? -1.084  -1.200  5.505   1.00 0.71 ? 6  DT  A H6     1 
HETATM 190 P P      . P   A 1 7  ? 2.331   3.183   7.203   1.00 0.76 ? 7  P   A P      1 
HETATM 191 O OP1    . P   A 1 7  ? 3.383   3.883   7.974   1.00 1.79 ? 7  P   A OP1    1 
HETATM 192 O OP2    . P   A 1 7  ? 1.148   3.932   6.721   1.00 1.12 ? 7  P   A OP2    1 
HETATM 193 O "O5'"  . P   A 1 7  ? 3.025   2.461   5.932   1.00 0.76 ? 7  P   A "O5'"  1 
HETATM 194 C "C5'"  . P   A 1 7  ? 4.418   2.641   5.646   1.00 0.78 ? 7  P   A "C5'"  1 
HETATM 195 C "C4'"  . P   A 1 7  ? 4.630   3.438   4.360   1.00 0.74 ? 7  P   A "C4'"  1 
HETATM 196 O "O4'"  . P   A 1 7  ? 4.239   2.669   3.192   1.00 0.71 ? 7  P   A "O4'"  1 
HETATM 197 C "C3'"  . P   A 1 7  ? 3.801   4.711   4.383   1.00 0.71 ? 7  P   A "C3'"  1 
HETATM 198 O "O3'"  . P   A 1 7  ? 4.627   5.851   4.099   1.00 0.71 ? 7  P   A "O3'"  1 
HETATM 199 C "C2'"  . P   A 1 7  ? 2.743   4.507   3.330   1.00 0.67 ? 7  P   A "C2'"  1 
HETATM 200 C "C1'"  . P   A 1 7  ? 3.241   3.390   2.436   1.00 0.67 ? 7  P   A "C1'"  1 
HETATM 201 N N9     . P   A 1 7  ? 2.151   2.487   2.004   1.00 0.66 ? 7  P   A N9     1 
HETATM 202 C C8     . P   A 1 7  ? 2.119   1.633   0.955   1.00 0.65 ? 7  P   A C8     1 
HETATM 203 N N7     . P   A 1 7  ? 1.051   0.922   0.788   1.00 0.65 ? 7  P   A N7     1 
HETATM 204 C C5     . P   A 1 7  ? 0.257   1.353   1.862   1.00 0.65 ? 7  P   A C5     1 
HETATM 205 C C6     . P   A 1 7  ? -1.050  0.943   2.233   1.00 0.66 ? 7  P   A C6     1 
HETATM 206 O O6     . P   A 1 7  ? -1.748  0.100   1.676   1.00 0.65 ? 7  P   A O6     1 
HETATM 207 N N1     . P   A 1 7  ? -1.533  1.596   3.367   1.00 0.67 ? 7  P   A N1     1 
HETATM 208 C C2     . P   A 1 7  ? -0.726  2.615   4.092   1.00 0.67 ? 7  P   A C2     1 
HETATM 209 N N2     . P   A 1 7  ? -1.277  3.223   5.213   1.00 0.69 ? 7  P   A N2     1 
HETATM 210 N N3     . P   A 1 7  ? 0.500   2.961   3.702   1.00 0.67 ? 7  P   A N3     1 
HETATM 211 C C4     . P   A 1 7  ? 0.925   2.310   2.606   1.00 0.66 ? 7  P   A C4     1 
HETATM 212 C C6A    . P   A 1 7  ? -2.584  2.804   5.756   1.00 0.70 ? 7  P   A C6A    1 
HETATM 213 C C7A    . P   A 1 7  ? -3.507  2.391   4.620   1.00 0.68 ? 7  P   A C7A    1 
HETATM 214 C C8A    . P   A 1 7  ? -2.887  1.256   3.852   1.00 0.67 ? 7  P   A C8A    1 
HETATM 215 H "H5'"  . P   A 1 7  ? 4.890   1.663   5.541   1.00 0.81 ? 7  P   A "H5'"  1 
HETATM 216 H "H5''" . P   A 1 7  ? 4.885   3.174   6.474   1.00 0.81 ? 7  P   A "H5''" 1 
HETATM 217 H "H4'"  . P   A 1 7  ? 5.683   3.703   4.273   1.00 0.75 ? 7  P   A "H4'"  1 
HETATM 218 H "H3'"  . P   A 1 7  ? 3.327   4.827   5.358   1.00 0.72 ? 7  P   A "H3'"  1 
HETATM 219 H "H2'"  . P   A 1 7  ? 1.811   4.210   3.809   1.00 0.67 ? 7  P   A "H2'"  1 
HETATM 220 H "H2''" . P   A 1 7  ? 2.601   5.414   2.754   1.00 0.65 ? 7  P   A "H2''" 1 
HETATM 221 H "H1'"  . P   A 1 7  ? 3.703   3.831   1.550   1.00 0.65 ? 7  P   A "H1'"  1 
HETATM 222 H H8     . P   A 1 7  ? 2.965   1.560   0.271   1.00 0.65 ? 7  P   A H8     1 
HETATM 223 H H2     . P   A 1 7  ? -0.730  3.915   5.707   1.00 0.70 ? 7  P   A H2     1 
HETATM 224 H H6A1   . P   A 1 7  ? -3.031  3.634   6.302   1.00 0.71 ? 7  P   A H6A1   1 
HETATM 225 H H6A2   . P   A 1 7  ? -2.442  1.961   6.432   1.00 0.72 ? 7  P   A H6A2   1 
HETATM 226 H H7A1   . P   A 1 7  ? -3.651  3.216   3.951   1.00 0.67 ? 7  P   A H7A1   1 
HETATM 227 H H7A2   . P   A 1 7  ? -4.469  2.076   5.025   1.00 0.69 ? 7  P   A H7A2   1 
HETATM 228 H H8A1   . P   A 1 7  ? -3.523  1.008   3.003   1.00 0.66 ? 7  P   A H8A1   1 
HETATM 229 H H8A2   . P   A 1 7  ? -2.826  0.409   4.507   1.00 0.69 ? 7  P   A H8A2   1 
ATOM   230 P P      . DT  A 1 8  ? 3.988   7.296   3.784   1.00 0.69 ? 8  DT  A P      1 
ATOM   231 O OP1    . DT  A 1 8  ? 4.996   8.331   4.105   1.00 1.63 ? 8  DT  A OP1    1 
ATOM   232 O OP2    . DT  A 1 8  ? 2.642   7.359   4.399   1.00 1.26 ? 8  DT  A OP2    1 
ATOM   233 O "O5'"  . DT  A 1 8  ? 3.810   7.243   2.186   1.00 0.66 ? 8  DT  A "O5'"  1 
ATOM   234 C "C5'"  . DT  A 1 8  ? 4.932   6.964   1.343   1.00 0.68 ? 8  DT  A "C5'"  1 
ATOM   235 C "C4'"  . DT  A 1 8  ? 4.521   6.849   -0.121  1.00 0.63 ? 8  DT  A "C4'"  1 
ATOM   236 O "O4'"  . DT  A 1 8  ? 3.605   5.742   -0.311  1.00 0.64 ? 8  DT  A "O4'"  1 
ATOM   237 C "C3'"  . DT  A 1 8  ? 3.825   8.123   -0.584  1.00 0.58 ? 8  DT  A "C3'"  1 
ATOM   238 O "O3'"  . DT  A 1 8  ? 4.444   8.623   -1.780  1.00 0.57 ? 8  DT  A "O3'"  1 
ATOM   239 C "C2'"  . DT  A 1 8  ? 2.394   7.722   -0.824  1.00 0.55 ? 8  DT  A "C2'"  1 
ATOM   240 C "C1'"  . DT  A 1 8  ? 2.398   6.209   -0.945  1.00 0.58 ? 8  DT  A "C1'"  1 
ATOM   241 N N1     . DT  A 1 8  ? 1.196   5.600   -0.325  1.00 0.59 ? 8  DT  A N1     1 
ATOM   242 C C2     . DT  A 1 8  ? 0.576   4.574   -1.016  1.00 0.60 ? 8  DT  A C2     1 
ATOM   243 O O2     . DT  A 1 8  ? 0.994   4.161   -2.096  1.00 0.60 ? 8  DT  A O2     1 
ATOM   244 N N3     . DT  A 1 8  ? -0.548  4.034   -0.422  1.00 0.61 ? 8  DT  A N3     1 
ATOM   245 C C4     . DT  A 1 8  ? -1.103  4.419   0.782   1.00 0.62 ? 8  DT  A C4     1 
ATOM   246 O O4     . DT  A 1 8  ? -2.103  3.851   1.218   1.00 0.63 ? 8  DT  A O4     1 
ATOM   247 C C5     . DT  A 1 8  ? -0.396  5.499   1.435   1.00 0.61 ? 8  DT  A C5     1 
ATOM   248 C C7     . DT  A 1 8  ? -0.933  6.052   2.755   1.00 0.62 ? 8  DT  A C7     1 
ATOM   249 C C6     . DT  A 1 8  ? 0.710   6.043   0.879   1.00 0.60 ? 8  DT  A C6     1 
ATOM   250 H "H5'"  . DT  A 1 8  ? 5.391   6.026   1.659   1.00 0.73 ? 8  DT  A "H5'"  1 
ATOM   251 H "H5''" . DT  A 1 8  ? 5.662   7.768   1.446   1.00 0.69 ? 8  DT  A "H5''" 1 
ATOM   252 H "H4'"  . DT  A 1 8  ? 5.409   6.685   -0.729  1.00 0.64 ? 8  DT  A "H4'"  1 
ATOM   253 H "H3'"  . DT  A 1 8  ? 3.869   8.876   0.206   1.00 0.60 ? 8  DT  A "H3'"  1 
ATOM   254 H "H2'"  . DT  A 1 8  ? 1.781   8.030   0.024   1.00 0.55 ? 8  DT  A "H2'"  1 
ATOM   255 H "H2''" . DT  A 1 8  ? 2.020   8.172   -1.737  1.00 0.51 ? 8  DT  A "H2''" 1 
ATOM   256 H "H1'"  . DT  A 1 8  ? 2.426   5.943   -2.005  1.00 0.57 ? 8  DT  A "H1'"  1 
ATOM   257 H H3     . DT  A 1 8  ? -1.013  3.291   -0.921  1.00 0.63 ? 8  DT  A H3     1 
ATOM   258 H H71    . DT  A 1 8  ? -1.119  7.121   2.652   1.00 1.23 ? 8  DT  A H71    1 
ATOM   259 H H72    . DT  A 1 8  ? -0.204  5.883   3.545   1.00 1.16 ? 8  DT  A H72    1 
ATOM   260 H H73    . DT  A 1 8  ? -1.867  5.547   3.008   1.00 1.22 ? 8  DT  A H73    1 
ATOM   261 H H6     . DT  A 1 8  ? 1.238   6.836   1.403   1.00 0.60 ? 8  DT  A H6     1 
ATOM   262 P P      . DC  A 1 9  ? 3.785   9.818   -2.643  1.00 0.52 ? 9  DC  A P      1 
ATOM   263 O OP1    . DC  A 1 9  ? 4.870   10.716  -3.096  1.00 1.35 ? 9  DC  A OP1    1 
ATOM   264 O OP2    . DC  A 1 9  ? 2.640   10.373  -1.883  1.00 1.42 ? 9  DC  A OP2    1 
ATOM   265 O "O5'"  . DC  A 1 9  ? 3.204   9.038   -3.928  1.00 0.50 ? 9  DC  A "O5'"  1 
ATOM   266 C "C5'"  . DC  A 1 9  ? 4.088   8.324   -4.800  1.00 0.54 ? 9  DC  A "C5'"  1 
ATOM   267 C "C4'"  . DC  A 1 9  ? 3.325   7.493   -5.829  1.00 0.53 ? 9  DC  A "C4'"  1 
ATOM   268 O "O4'"  . DC  A 1 9  ? 2.449   6.540   -5.182  1.00 0.55 ? 9  DC  A "O4'"  1 
ATOM   269 C "C3'"  . DC  A 1 9  ? 2.489   8.367   -6.738  1.00 0.49 ? 9  DC  A "C3'"  1 
ATOM   270 O "O3'"  . DC  A 1 9  ? 2.707   8.027   -8.115  1.00 0.53 ? 9  DC  A "O3'"  1 
ATOM   271 C "C2'"  . DC  A 1 9  ? 1.075   8.093   -6.335  1.00 0.48 ? 9  DC  A "C2'"  1 
ATOM   272 C "C1'"  . DC  A 1 9  ? 1.084   6.793   -5.565  1.00 0.51 ? 9  DC  A "C1'"  1 
ATOM   273 N N1     . DC  A 1 9  ? 0.198   6.861   -4.380  1.00 0.50 ? 9  DC  A N1     1 
ATOM   274 C C2     . DC  A 1 9  ? -0.737  5.847   -4.221  1.00 0.54 ? 9  DC  A C2     1 
ATOM   275 O O2     . DC  A 1 9  ? -0.823  4.946   -5.056  1.00 0.58 ? 9  DC  A O2     1 
ATOM   276 N N3     . DC  A 1 9  ? -1.554  5.887   -3.133  1.00 0.54 ? 9  DC  A N3     1 
ATOM   277 C C4     . DC  A 1 9  ? -1.465  6.877   -2.238  1.00 0.51 ? 9  DC  A C4     1 
ATOM   278 N N4     . DC  A 1 9  ? -2.281  6.881   -1.183  1.00 0.52 ? 9  DC  A N4     1 
ATOM   279 C C5     . DC  A 1 9  ? -0.507  7.926   -2.396  1.00 0.48 ? 9  DC  A C5     1 
ATOM   280 C C6     . DC  A 1 9  ? 0.300   7.880   -3.474  1.00 0.47 ? 9  DC  A C6     1 
ATOM   281 H "H5'"  . DC  A 1 9  ? 4.715   7.660   -4.203  1.00 0.58 ? 9  DC  A "H5'"  1 
ATOM   282 H "H5''" . DC  A 1 9  ? 4.726   9.038   -5.322  1.00 0.54 ? 9  DC  A "H5''" 1 
ATOM   283 H "H4'"  . DC  A 1 9  ? 4.024   6.956   -6.441  1.00 0.57 ? 9  DC  A "H4'"  1 
ATOM   284 H "H3'"  . DC  A 1 9  ? 2.733   9.418   -6.569  1.00 0.48 ? 9  DC  A "H3'"  1 
ATOM   285 H "H2'"  . DC  A 1 9  ? 0.715   8.889   -5.708  1.00 0.45 ? 9  DC  A "H2'"  1 
ATOM   286 H "H2''" . DC  A 1 9  ? 0.457   7.997   -7.210  1.00 0.48 ? 9  DC  A "H2''" 1 
ATOM   287 H "H1'"  . DC  A 1 9  ? 0.742   5.996   -6.221  1.00 0.55 ? 9  DC  A "H1'"  1 
ATOM   288 H H41    . DC  A 1 9  ? -2.959  6.141   -1.066  1.00 0.55 ? 9  DC  A H41    1 
ATOM   289 H H42    . DC  A 1 9  ? -2.221  7.622   -0.500  1.00 0.51 ? 9  DC  A H42    1 
ATOM   290 H H5     . DC  A 1 9  ? -0.434  8.738   -1.672  1.00 0.47 ? 9  DC  A H5     1 
ATOM   291 H H6     . DC  A 1 9  ? 1.043   8.664   -3.626  1.00 0.46 ? 9  DC  A H6     1 
ATOM   292 P P      . DC  A 1 10 ? 1.924   8.802   -9.295  1.00 0.53 ? 10 DC  A P      1 
ATOM   293 O OP1    . DC  A 1 10 ? 2.774   8.778   -10.506 1.00 1.52 ? 10 DC  A OP1    1 
ATOM   294 O OP2    . DC  A 1 10 ? 1.439   10.095  -8.762  1.00 1.24 ? 10 DC  A OP2    1 
ATOM   295 O "O5'"  . DC  A 1 10 ? 0.646   7.854   -9.555  1.00 0.56 ? 10 DC  A "O5'"  1 
ATOM   296 C "C5'"  . DC  A 1 10 ? 0.800   6.597   -10.221 1.00 0.63 ? 10 DC  A "C5'"  1 
ATOM   297 C "C4'"  . DC  A 1 10 ? -0.546  5.948   -10.544 1.00 0.64 ? 10 DC  A "C4'"  1 
ATOM   298 O "O4'"  . DC  A 1 10 ? -1.303  5.681   -9.339  1.00 0.61 ? 10 DC  A "O4'"  1 
ATOM   299 C "C3'"  . DC  A 1 10 ? -1.396  6.849   -11.431 1.00 0.63 ? 10 DC  A "C3'"  1 
ATOM   300 O "O3'"  . DC  A 1 10 ? -1.991  6.106   -12.505 1.00 0.69 ? 10 DC  A "O3'"  1 
ATOM   301 C "C2'"  . DC  A 1 10 ? -2.445  7.408   -10.518 1.00 0.57 ? 10 DC  A "C2'"  1 
ATOM   302 C "C1'"  . DC  A 1 10 ? -2.529  6.446   -9.347  1.00 0.56 ? 10 DC  A "C1'"  1 
ATOM   303 N N1     . DC  A 1 10 ? -2.729  7.160   -8.064  1.00 0.50 ? 10 DC  A N1     1 
ATOM   304 C C2     . DC  A 1 10 ? -3.700  6.664   -7.203  1.00 0.49 ? 10 DC  A C2     1 
ATOM   305 O O2     . DC  A 1 10 ? -4.378  5.690   -7.528  1.00 0.52 ? 10 DC  A O2     1 
ATOM   306 N N3     . DC  A 1 10 ? -3.887  7.292   -6.010  1.00 0.45 ? 10 DC  A N3     1 
ATOM   307 C C4     . DC  A 1 10 ? -3.156  8.360   -5.671  1.00 0.42 ? 10 DC  A C4     1 
ATOM   308 N N4     . DC  A 1 10 ? -3.362  8.945   -4.489  1.00 0.41 ? 10 DC  A N4     1 
ATOM   309 C C5     . DC  A 1 10 ? -2.156  8.878   -6.554  1.00 0.43 ? 10 DC  A C5     1 
ATOM   310 C C6     . DC  A 1 10 ? -1.977  8.252   -7.734  1.00 0.47 ? 10 DC  A C6     1 
ATOM   311 H "H5'"  . DC  A 1 10 ? 1.371   5.924   -9.581  1.00 0.66 ? 10 DC  A "H5'"  1 
ATOM   312 H "H5''" . DC  A 1 10 ? 1.349   6.753   -11.151 1.00 0.67 ? 10 DC  A "H5''" 1 
ATOM   313 H "H4'"  . DC  A 1 10 ? -0.369  5.007   -11.063 1.00 0.70 ? 10 DC  A "H4'"  1 
ATOM   314 H "H3'"  . DC  A 1 10 ? -0.787  7.662   -11.829 1.00 0.63 ? 10 DC  A "H3'"  1 
ATOM   315 H "H2'"  . DC  A 1 10 ? -2.153  8.400   -10.177 1.00 0.53 ? 10 DC  A "H2'"  1 
ATOM   316 H "H2''" . DC  A 1 10 ? -3.395  7.453   -11.030 1.00 0.58 ? 10 DC  A "H2''" 1 
ATOM   317 H "H1'"  . DC  A 1 10 ? -3.367  5.770   -9.509  1.00 0.58 ? 10 DC  A "H1'"  1 
ATOM   318 H H41    . DC  A 1 10 ? -4.066  8.582   -3.861  1.00 0.41 ? 10 DC  A H41    1 
ATOM   319 H H42    . DC  A 1 10 ? -2.813  9.750   -4.222  1.00 0.40 ? 10 DC  A H42    1 
ATOM   320 H H5     . DC  A 1 10 ? -1.561  9.750   -6.282  1.00 0.42 ? 10 DC  A H5     1 
ATOM   321 H H6     . DC  A 1 10 ? -1.230  8.624   -8.435  1.00 0.49 ? 10 DC  A H6     1 
ATOM   322 P P      . DG  A 1 11 ? -3.038  6.800   -13.524 1.00 0.72 ? 11 DG  A P      1 
ATOM   323 O OP1    . DG  A 1 11 ? -2.988  6.065   -14.807 1.00 1.54 ? 11 DG  A OP1    1 
ATOM   324 O OP2    . DG  A 1 11 ? -2.807  8.263   -13.505 1.00 1.42 ? 11 DG  A OP2    1 
ATOM   325 O "O5'"  . DG  A 1 11 ? -4.463  6.506   -12.828 1.00 0.70 ? 11 DG  A "O5'"  1 
ATOM   326 C "C5'"  . DG  A 1 11 ? -4.898  5.158   -12.620 1.00 0.75 ? 11 DG  A "C5'"  1 
ATOM   327 C "C4'"  . DG  A 1 11 ? -6.397  5.063   -12.327 1.00 0.82 ? 11 DG  A "C4'"  1 
ATOM   328 O "O4'"  . DG  A 1 11 ? -6.680  5.475   -10.971 1.00 0.71 ? 11 DG  A "O4'"  1 
ATOM   329 C "C3'"  . DG  A 1 11 ? -7.195  5.955   -13.259 1.00 0.89 ? 11 DG  A "C3'"  1 
ATOM   330 O "O3'"  . DG  A 1 11 ? -8.391  5.280   -13.700 1.00 1.05 ? 11 DG  A "O3'"  1 
ATOM   331 C "C2'"  . DG  A 1 11 ? -7.516  7.166   -12.426 1.00 0.82 ? 11 DG  A "C2'"  1 
ATOM   332 C "C1'"  . DG  A 1 11 ? -7.435  6.704   -10.980 1.00 0.69 ? 11 DG  A "C1'"  1 
ATOM   333 N N9     . DG  A 1 11 ? -6.788  7.714   -10.129 1.00 0.56 ? 11 DG  A N9     1 
ATOM   334 C C8     . DG  A 1 11 ? -5.752  8.531   -10.407 1.00 0.53 ? 11 DG  A C8     1 
ATOM   335 N N7     . DG  A 1 11 ? -5.332  9.311   -9.466  1.00 0.46 ? 11 DG  A N7     1 
ATOM   336 C C5     . DG  A 1 11 ? -6.197  8.981   -8.418  1.00 0.40 ? 11 DG  A C5     1 
ATOM   337 C C6     . DG  A 1 11 ? -6.262  9.491   -7.094  1.00 0.34 ? 11 DG  A C6     1 
ATOM   338 O O6     . DG  A 1 11 ? -5.548  10.340  -6.568  1.00 0.38 ? 11 DG  A O6     1 
ATOM   339 N N1     . DG  A 1 11 ? -7.282  8.891   -6.366  1.00 0.31 ? 11 DG  A N1     1 
ATOM   340 C C2     . DG  A 1 11 ? -8.139  7.918   -6.848  1.00 0.37 ? 11 DG  A C2     1 
ATOM   341 N N2     . DG  A 1 11 ? -9.061  7.468   -5.999  1.00 0.39 ? 11 DG  A N2     1 
ATOM   342 N N3     . DG  A 1 11 ? -8.082  7.433   -8.091  1.00 0.47 ? 11 DG  A N3     1 
ATOM   343 C C4     . DG  A 1 11 ? -7.096  8.004   -8.819  1.00 0.46 ? 11 DG  A C4     1 
ATOM   344 H "H5'"  . DG  A 1 11 ? -4.351  4.749   -11.774 1.00 0.73 ? 11 DG  A "H5'"  1 
ATOM   345 H "H5''" . DG  A 1 11 ? -4.671  4.571   -13.511 1.00 0.80 ? 11 DG  A "H5''" 1 
ATOM   346 H "H4'"  . DG  A 1 11 ? -6.722  4.035   -12.462 1.00 0.93 ? 11 DG  A "H4'"  1 
ATOM   347 H "H3'"  . DG  A 1 11 ? -6.582  6.237   -14.114 1.00 0.92 ? 11 DG  A "H3'"  1 
ATOM   348 H "H2'"  . DG  A 1 11 ? -6.781  7.946   -12.614 1.00 0.79 ? 11 DG  A "H2'"  1 
ATOM   349 H "H2''" . DG  A 1 11 ? -8.508  7.530   -12.653 1.00 0.92 ? 11 DG  A "H2''" 1 
ATOM   350 H "H1'"  . DG  A 1 11 ? -8.439  6.512   -10.607 1.00 0.74 ? 11 DG  A "H1'"  1 
ATOM   351 H H8     . DG  A 1 11 ? -5.297  8.533   -11.395 1.00 0.60 ? 11 DG  A H8     1 
ATOM   352 H H1     . DG  A 1 11 ? -7.389  9.204   -5.412  1.00 0.29 ? 11 DG  A H1     1 
ATOM   353 H H21    . DG  A 1 11 ? -9.105  7.835   -5.058  1.00 0.34 ? 11 DG  A H21    1 
ATOM   354 H H22    . DG  A 1 11 ? -9.718  6.761   -6.296  1.00 0.48 ? 11 DG  A H22    1 
ATOM   355 P P      . DC  A 1 12 ? -9.661  6.081   -14.305 1.00 1.18 ? 12 DC  A P      1 
ATOM   356 O OP1    . DC  A 1 12 ? -10.272 5.243   -15.360 1.00 1.13 ? 12 DC  A OP1    1 
ATOM   357 O OP2    . DC  A 1 12 ? -9.240  7.466   -14.618 1.00 2.26 ? 12 DC  A OP2    1 
ATOM   358 O "O5'"  . DC  A 1 12 ? -10.680 6.135   -13.052 1.00 1.15 ? 12 DC  A "O5'"  1 
ATOM   359 C "C5'"  . DC  A 1 12 ? -11.287 4.934   -12.562 1.00 1.21 ? 12 DC  A "C5'"  1 
ATOM   360 C "C4'"  . DC  A 1 12 ? -12.246 5.194   -11.395 1.00 1.18 ? 12 DC  A "C4'"  1 
ATOM   361 O "O4'"  . DC  A 1 12 ? -11.584 5.888   -10.308 1.00 1.01 ? 12 DC  A "O4'"  1 
ATOM   362 C "C3'"  . DC  A 1 12 ? -13.439 6.039   -11.816 1.00 1.29 ? 12 DC  A "C3'"  1 
ATOM   363 O "O3'"  . DC  A 1 12 ? -14.659 5.507   -11.276 1.00 1.38 ? 12 DC  A "O3'"  1 
ATOM   364 C "C2'"  . DC  A 1 12 ? -13.153 7.412   -11.272 1.00 1.18 ? 12 DC  A "C2'"  1 
ATOM   365 C "C1'"  . DC  A 1 12 ? -12.152 7.211   -10.145 1.00 1.00 ? 12 DC  A "C1'"  1 
ATOM   366 N N1     . DC  A 1 12 ? -11.098 8.254   -10.156 1.00 0.89 ? 12 DC  A N1     1 
ATOM   367 C C2     . DC  A 1 12 ? -10.828 8.908   -8.959  1.00 0.75 ? 12 DC  A C2     1 
ATOM   368 O O2     . DC  A 1 12 ? -11.450 8.617   -7.938  1.00 0.71 ? 12 DC  A O2     1 
ATOM   369 N N3     . DC  A 1 12 ? -9.863  9.868   -8.950  1.00 0.69 ? 12 DC  A N3     1 
ATOM   370 C C4     . DC  A 1 12 ? -9.190  10.177  -10.065 1.00 0.76 ? 12 DC  A C4     1 
ATOM   371 N N4     . DC  A 1 12 ? -8.248  11.121  -10.023 1.00 0.75 ? 12 DC  A N4     1 
ATOM   372 C C5     . DC  A 1 12 ? -9.464  9.510   -11.298 1.00 0.88 ? 12 DC  A C5     1 
ATOM   373 C C6     . DC  A 1 12 ? -10.418 8.562   -11.299 1.00 0.94 ? 12 DC  A C6     1 
ATOM   374 H "H5'"  . DC  A 1 12 ? -10.502 4.256   -12.226 1.00 1.16 ? 12 DC  A "H5'"  1 
ATOM   375 H "H5''" . DC  A 1 12 ? -11.839 4.460   -13.373 1.00 1.34 ? 12 DC  A "H5''" 1 
ATOM   376 H "H4'"  . DC  A 1 12 ? -12.614 4.235   -11.023 1.00 1.24 ? 12 DC  A "H4'"  1 
ATOM   377 H "H3'"  . DC  A 1 12 ? -13.497 6.079   -12.907 1.00 1.39 ? 12 DC  A "H3'"  1 
ATOM   378 H "H2'"  . DC  A 1 12 ? -12.736 8.043   -12.052 1.00 1.21 ? 12 DC  A "H2'"  1 
ATOM   379 H "H2''" . DC  A 1 12 ? -14.062 7.855   -10.881 1.00 1.23 ? 12 DC  A "H2''" 1 
ATOM   380 H "H1'"  . DC  A 1 12 ? -12.685 7.255   -9.195  1.00 0.97 ? 12 DC  A "H1'"  1 
ATOM   381 H H41    . DC  A 1 12 ? -8.049  11.598  -9.157  1.00 0.70 ? 12 DC  A H41    1 
ATOM   382 H H42    . DC  A 1 12 ? -7.735  11.358  -10.860 1.00 0.81 ? 12 DC  A H42    1 
ATOM   383 H H5     . DC  A 1 12 ? -8.920  9.760   -12.206 1.00 0.93 ? 12 DC  A H5     1 
ATOM   384 H H6     . DC  A 1 12 ? -10.643 8.032   -12.221 1.00 1.05 ? 12 DC  A H6     1 
ATOM   385 P P      . DG  A 1 13 ? -16.044 6.332   -11.364 1.00 1.49 ? 13 DG  A P      1 
ATOM   386 O OP1    . DG  A 1 13 ? -17.163 5.368   -11.267 1.00 2.57 ? 13 DG  A OP1    1 
ATOM   387 O OP2    . DG  A 1 13 ? -15.966 7.256   -12.518 1.00 1.29 ? 13 DG  A OP2    1 
ATOM   388 O "O5'"  . DG  A 1 13 ? -16.015 7.210   -10.012 1.00 1.34 ? 13 DG  A "O5'"  1 
ATOM   389 C "C5'"  . DG  A 1 13 ? -16.167 6.577   -8.736  1.00 1.27 ? 13 DG  A "C5'"  1 
ATOM   390 C "C4'"  . DG  A 1 13 ? -16.600 7.562   -7.650  1.00 1.20 ? 13 DG  A "C4'"  1 
ATOM   391 O "O4'"  . DG  A 1 13 ? -15.583 8.556   -7.391  1.00 1.06 ? 13 DG  A "O4'"  1 
ATOM   392 C "C3'"  . DG  A 1 13 ? -17.854 8.311   -8.046  1.00 1.35 ? 13 DG  A "C3'"  1 
ATOM   393 O "O3'"  . DG  A 1 13 ? -18.667 8.592   -6.901  1.00 1.34 ? 13 DG  A "O3'"  1 
ATOM   394 C "C2'"  . DG  A 1 13 ? -17.333 9.574   -8.655  1.00 1.34 ? 13 DG  A "C2'"  1 
ATOM   395 C "C1'"  . DG  A 1 13 ? -16.003 9.825   -7.953  1.00 1.15 ? 13 DG  A "C1'"  1 
ATOM   396 N N9     . DG  A 1 13 ? -14.968 10.374  -8.863  1.00 1.14 ? 13 DG  A N9     1 
ATOM   397 C C8     . DG  A 1 13 ? -14.780 10.202  -10.199 1.00 1.25 ? 13 DG  A C8     1 
ATOM   398 N N7     . DG  A 1 13 ? -13.760 10.781  -10.739 1.00 1.23 ? 13 DG  A N7     1 
ATOM   399 C C5     . DG  A 1 13 ? -13.184 11.427  -9.643  1.00 1.10 ? 13 DG  A C5     1 
ATOM   400 C C6     . DG  A 1 13 ? -12.023 12.244  -9.577  1.00 1.06 ? 13 DG  A C6     1 
ATOM   401 O O6     . DG  A 1 13 ? -11.253 12.549  -10.485 1.00 1.12 ? 13 DG  A O6     1 
ATOM   402 N N1     . DG  A 1 13 ? -11.796 12.702  -8.286  1.00 0.96 ? 13 DG  A N1     1 
ATOM   403 C C2     . DG  A 1 13 ? -12.582 12.412  -7.188  1.00 0.89 ? 13 DG  A C2     1 
ATOM   404 N N2     . DG  A 1 13 ? -12.204 12.954  -6.031  1.00 0.82 ? 13 DG  A N2     1 
ATOM   405 N N3     . DG  A 1 13 ? -13.673 11.642  -7.242  1.00 0.93 ? 13 DG  A N3     1 
ATOM   406 C C4     . DG  A 1 13 ? -13.917 11.185  -8.493  1.00 1.04 ? 13 DG  A C4     1 
ATOM   407 H "H5'"  . DG  A 1 13 ? -15.216 6.129   -8.448  1.00 1.18 ? 13 DG  A "H5'"  1 
ATOM   408 H "H5''" . DG  A 1 13 ? -16.918 5.791   -8.819  1.00 1.38 ? 13 DG  A "H5''" 1 
ATOM   409 H "H4'"  . DG  A 1 13 ? -16.797 7.019   -6.732  1.00 1.17 ? 13 DG  A "H4'"  1 
ATOM   410 H "H3'"  . DG  A 1 13 ? -18.418 7.739   -8.787  1.00 1.47 ? 13 DG  A "H3'"  1 
ATOM   411 H "HO3'" . DG  A 1 13 ? -18.134 9.110   -6.294  1.00 1.38 ? 13 DG  A "HO3'" 1 
ATOM   412 H "H2'"  . DG  A 1 13 ? -17.186 9.439   -9.722  1.00 1.42 ? 13 DG  A "H2'"  1 
ATOM   413 H "H2''" . DG  A 1 13 ? -18.020 10.390  -8.464  1.00 1.41 ? 13 DG  A "H2''" 1 
ATOM   414 H "H1'"  . DG  A 1 13 ? -16.167 10.530  -7.137  1.00 1.11 ? 13 DG  A "H1'"  1 
ATOM   415 H H8     . DG  A 1 13 ? -15.471 9.614   -10.800 1.00 1.36 ? 13 DG  A H8     1 
ATOM   416 H H1     . DG  A 1 13 ? -10.990 13.300  -8.163  1.00 0.95 ? 13 DG  A H1     1 
ATOM   417 H H21    . DG  A 1 13 ? -11.381 13.540  -5.991  1.00 0.83 ? 13 DG  A H21    1 
ATOM   418 H H22    . DG  A 1 13 ? -12.742 12.784  -5.193  1.00 0.78 ? 13 DG  A H22    1 
ATOM   419 O "O5'"  . DC  B 2 1  ? -7.478  19.948  -7.559  1.00 1.61 ? 14 DC  B "O5'"  1 
ATOM   420 C "C5'"  . DC  B 2 1  ? -8.316  20.765  -6.735  1.00 1.68 ? 14 DC  B "C5'"  1 
ATOM   421 C "C4'"  . DC  B 2 1  ? -8.959  19.957  -5.609  1.00 1.53 ? 14 DC  B "C4'"  1 
ATOM   422 O "O4'"  . DC  B 2 1  ? -9.750  18.859  -6.138  1.00 1.42 ? 14 DC  B "O4'"  1 
ATOM   423 C "C3'"  . DC  B 2 1  ? -7.912  19.341  -4.707  1.00 1.43 ? 14 DC  B "C3'"  1 
ATOM   424 O "O3'"  . DC  B 2 1  ? -8.373  19.282  -3.346  1.00 1.39 ? 14 DC  B "O3'"  1 
ATOM   425 C "C2'"  . DC  B 2 1  ? -7.737  17.982  -5.293  1.00 1.26 ? 14 DC  B "C2'"  1 
ATOM   426 C "C1'"  . DC  B 2 1  ? -9.104  17.608  -5.799  1.00 1.23 ? 14 DC  B "C1'"  1 
ATOM   427 N N1     . DC  B 2 1  ? -9.026  16.707  -6.972  1.00 1.17 ? 14 DC  B N1     1 
ATOM   428 C C2     . DC  B 2 1  ? -9.747  15.521  -6.921  1.00 1.05 ? 14 DC  B C2     1 
ATOM   429 O O2     . DC  B 2 1  ? -10.414 15.239  -5.926  1.00 0.98 ? 14 DC  B O2     1 
ATOM   430 N N3     . DC  B 2 1  ? -9.695  14.688  -7.996  1.00 1.03 ? 14 DC  B N3     1 
ATOM   431 C C4     . DC  B 2 1  ? -8.967  15.000  -9.076  1.00 1.12 ? 14 DC  B C4     1 
ATOM   432 N N4     . DC  B 2 1  ? -8.944  14.161  -10.112 1.00 1.12 ? 14 DC  B N4     1 
ATOM   433 C C5     . DC  B 2 1  ? -8.221  16.219  -9.133  1.00 1.24 ? 14 DC  B C5     1 
ATOM   434 C C6     . DC  B 2 1  ? -8.279  17.038  -8.067  1.00 1.26 ? 14 DC  B C6     1 
ATOM   435 H "H5'"  . DC  B 2 1  ? -9.100  21.204  -7.350  1.00 1.77 ? 14 DC  B "H5'"  1 
ATOM   436 H "H5''" . DC  B 2 1  ? -7.715  21.564  -6.301  1.00 1.77 ? 14 DC  B "H5''" 1 
ATOM   437 H "H4'"  . DC  B 2 1  ? -9.593  20.599  -5.024  1.00 1.60 ? 14 DC  B "H4'"  1 
ATOM   438 H "H3'"  . DC  B 2 1  ? -6.978  19.906  -4.772  1.00 1.51 ? 14 DC  B "H3'"  1 
ATOM   439 H "H2'"  . DC  B 2 1  ? -7.054  18.038  -6.115  1.00 1.30 ? 14 DC  B "H2'"  1 
ATOM   440 H "H2''" . DC  B 2 1  ? -7.386  17.274  -4.548  1.00 1.15 ? 14 DC  B "H2''" 1 
ATOM   441 H "H1'"  . DC  B 2 1  ? -9.648  17.122  -5.002  1.00 1.14 ? 14 DC  B "H1'"  1 
ATOM   442 H H41    . DC  B 2 1  ? -9.470  13.299  -10.077 1.00 1.06 ? 14 DC  B H41    1 
ATOM   443 H H42    . DC  B 2 1  ? -8.399  14.387  -10.932 1.00 1.20 ? 14 DC  B H42    1 
ATOM   444 H H5     . DC  B 2 1  ? -7.627  16.475  -10.010 1.00 1.32 ? 14 DC  B H5     1 
ATOM   445 H H6     . DC  B 2 1  ? -7.723  17.975  -8.077  1.00 1.37 ? 14 DC  B H6     1 
ATOM   446 H "HO5'" . DC  B 2 1  ? -7.124  20.510  -8.251  1.00 1.95 ? 14 DC  B "HO5'" 1 
ATOM   447 P P      . DG  B 2 2  ? -7.561  18.465  -2.215  1.00 1.29 ? 15 DG  B P      1 
ATOM   448 O OP1    . DG  B 2 2  ? -7.616  19.242  -0.957  1.00 2.09 ? 15 DG  B OP1    1 
ATOM   449 O OP2    . DG  B 2 2  ? -6.251  18.063  -2.775  1.00 1.57 ? 15 DG  B OP2    1 
ATOM   450 O "O5'"  . DG  B 2 2  ? -8.459  17.139  -2.030  1.00 1.10 ? 15 DG  B "O5'"  1 
ATOM   451 C "C5'"  . DG  B 2 2  ? -9.780  17.228  -1.486  1.00 1.09 ? 15 DG  B "C5'"  1 
ATOM   452 C "C4'"  . DG  B 2 2  ? -10.277 15.881  -0.966  1.00 0.93 ? 15 DG  B "C4'"  1 
ATOM   453 O "O4'"  . DG  B 2 2  ? -10.555 14.982  -2.063  1.00 0.80 ? 15 DG  B "O4'"  1 
ATOM   454 C "C3'"  . DG  B 2 2  ? -9.229  15.228  -0.079  1.00 0.90 ? 15 DG  B "C3'"  1 
ATOM   455 O "O3'"  . DG  B 2 2  ? -9.842  14.686  1.106   1.00 0.89 ? 15 DG  B "O3'"  1 
ATOM   456 C "C2'"  . DG  B 2 2  ? -8.624  14.152  -0.940  1.00 0.77 ? 15 DG  B "C2'"  1 
ATOM   457 C "C1'"  . DG  B 2 2  ? -9.628  13.877  -2.044  1.00 0.68 ? 15 DG  B "C1'"  1 
ATOM   458 N N9     . DG  B 2 2  ? -8.953  13.744  -3.344  1.00 0.66 ? 15 DG  B N9     1 
ATOM   459 C C8     . DG  B 2 2  ? -7.985  14.515  -3.882  1.00 0.76 ? 15 DG  B C8     1 
ATOM   460 N N7     . DG  B 2 2  ? -7.558  14.209  -5.060  1.00 0.74 ? 15 DG  B N7     1 
ATOM   461 C C5     . DG  B 2 2  ? -8.335  13.086  -5.359  1.00 0.62 ? 15 DG  B C5     1 
ATOM   462 C C6     . DG  B 2 2  ? -8.349  12.274  -6.523  1.00 0.59 ? 15 DG  B C6     1 
ATOM   463 O O6     . DG  B 2 2  ? -7.666  12.386  -7.536  1.00 0.65 ? 15 DG  B O6     1 
ATOM   464 N N1     . DG  B 2 2  ? -9.281  11.250  -6.419  1.00 0.52 ? 15 DG  B N1     1 
ATOM   465 C C2     . DG  B 2 2  ? -10.101 11.027  -5.330  1.00 0.47 ? 15 DG  B C2     1 
ATOM   466 N N2     . DG  B 2 2  ? -10.933 9.988   -5.418  1.00 0.48 ? 15 DG  B N2     1 
ATOM   467 N N3     . DG  B 2 2  ? -10.094 11.787  -4.230  1.00 0.49 ? 15 DG  B N3     1 
ATOM   468 C C4     . DG  B 2 2  ? -9.194  12.794  -4.311  1.00 0.57 ? 15 DG  B C4     1 
ATOM   469 H "H5'"  . DG  B 2 2  ? -10.455 17.576  -2.265  1.00 1.13 ? 15 DG  B "H5'"  1 
ATOM   470 H "H5''" . DG  B 2 2  ? -9.779  17.947  -0.667  1.00 1.19 ? 15 DG  B "H5''" 1 
ATOM   471 H "H4'"  . DG  B 2 2  ? -11.187 16.030  -0.390  1.00 0.95 ? 15 DG  B "H4'"  1 
ATOM   472 H "H3'"  . DG  B 2 2  ? -8.465  15.959  0.191   1.00 1.02 ? 15 DG  B "H3'"  1 
ATOM   473 H "H2'"  . DG  B 2 2  ? -7.687  14.507  -1.367  1.00 0.82 ? 15 DG  B "H2'"  1 
ATOM   474 H "H2''" . DG  B 2 2  ? -8.450  13.261  -0.362  1.00 0.72 ? 15 DG  B "H2''" 1 
ATOM   475 H "H1'"  . DG  B 2 2  ? -10.167 12.956  -1.821  1.00 0.59 ? 15 DG  B "H1'"  1 
ATOM   476 H H8     . DG  B 2 2  ? -7.583  15.366  -3.334  1.00 0.86 ? 15 DG  B H8     1 
ATOM   477 H H1     . DG  B 2 2  ? -9.354  10.635  -7.217  1.00 0.54 ? 15 DG  B H1     1 
ATOM   478 H H21    . DG  B 2 2  ? -10.942 9.418   -6.250  1.00 0.52 ? 15 DG  B H21    1 
ATOM   479 H H22    . DG  B 2 2  ? -11.557 9.776   -4.652  1.00 0.47 ? 15 DG  B H22    1 
ATOM   480 P P      . DC  B 2 3  ? -9.149  13.507  1.971   1.00 0.87 ? 16 DC  B P      1 
ATOM   481 O OP1    . DC  B 2 3  ? -9.663  13.587  3.356   1.00 1.72 ? 16 DC  B OP1    1 
ATOM   482 O OP2    . DC  B 2 3  ? -7.689  13.541  1.725   1.00 1.43 ? 16 DC  B OP2    1 
ATOM   483 O "O5'"  . DC  B 2 3  ? -9.745  12.173  1.287   1.00 0.74 ? 16 DC  B "O5'"  1 
ATOM   484 C "C5'"  . DC  B 2 3  ? -11.161 11.960  1.240   1.00 0.72 ? 16 DC  B "C5'"  1 
ATOM   485 C "C4'"  . DC  B 2 3  ? -11.529 10.637  0.566   1.00 0.61 ? 16 DC  B "C4'"  1 
ATOM   486 O "O4'"  . DC  B 2 3  ? -10.998 10.563  -0.781  1.00 0.51 ? 16 DC  B "O4'"  1 
ATOM   487 C "C3'"  . DC  B 2 3  ? -10.982 9.442   1.337   1.00 0.64 ? 16 DC  B "C3'"  1 
ATOM   488 O "O3'"  . DC  B 2 3  ? -11.969 8.401   1.434   1.00 0.63 ? 16 DC  B "O3'"  1 
ATOM   489 C "C2'"  . DC  B 2 3  ? -9.791  8.994   0.538   1.00 0.57 ? 16 DC  B "C2'"  1 
ATOM   490 C "C1'"  . DC  B 2 3  ? -10.066 9.461   -0.878  1.00 0.46 ? 16 DC  B "C1'"  1 
ATOM   491 N N1     . DC  B 2 3  ? -8.826  9.861   -1.590  1.00 0.43 ? 16 DC  B N1     1 
ATOM   492 C C2     . DC  B 2 3  ? -8.627  9.343   -2.864  1.00 0.34 ? 16 DC  B C2     1 
ATOM   493 O O2     . DC  B 2 3  ? -9.439  8.558   -3.350  1.00 0.31 ? 16 DC  B O2     1 
ATOM   494 N N3     . DC  B 2 3  ? -7.513  9.719   -3.548  1.00 0.33 ? 16 DC  B N3     1 
ATOM   495 C C4     . DC  B 2 3  ? -6.626  10.567  -3.011  1.00 0.41 ? 16 DC  B C4     1 
ATOM   496 N N4     . DC  B 2 3  ? -5.551  10.922  -3.715  1.00 0.42 ? 16 DC  B N4     1 
ATOM   497 C C5     . DC  B 2 3  ? -6.822  11.101  -1.700  1.00 0.51 ? 16 DC  B C5     1 
ATOM   498 C C6     . DC  B 2 3  ? -7.927  10.724  -1.028  1.00 0.52 ? 16 DC  B C6     1 
ATOM   499 H "H5'"  . DC  B 2 3  ? -11.622 12.777  0.684   1.00 0.74 ? 16 DC  B "H5'"  1 
ATOM   500 H "H5''" . DC  B 2 3  ? -11.552 11.960  2.257   1.00 0.80 ? 16 DC  B "H5''" 1 
ATOM   501 H "H4'"  . DC  B 2 3  ? -12.614 10.557  0.518   1.00 0.61 ? 16 DC  B "H4'"  1 
ATOM   502 H "H3'"  . DC  B 2 3  ? -10.665 9.757   2.334   1.00 0.73 ? 16 DC  B "H3'"  1 
ATOM   503 H "H2'"  . DC  B 2 3  ? -8.889  9.455   0.925   1.00 0.62 ? 16 DC  B "H2'"  1 
ATOM   504 H "H2''" . DC  B 2 3  ? -9.699  7.917   0.568   1.00 0.58 ? 16 DC  B "H2''" 1 
ATOM   505 H "H1'"  . DC  B 2 3  ? -10.539 8.647   -1.425  1.00 0.41 ? 16 DC  B "H1'"  1 
ATOM   506 H H41    . DC  B 2 3  ? -5.408  10.548  -4.642  1.00 0.37 ? 16 DC  B H41    1 
ATOM   507 H H42    . DC  B 2 3  ? -4.880  11.566  -3.320  1.00 0.49 ? 16 DC  B H42    1 
ATOM   508 H H5     . DC  B 2 3  ? -6.102  11.790  -1.259  1.00 0.59 ? 16 DC  B H5     1 
ATOM   509 H H6     . DC  B 2 3  ? -8.101  11.107  -0.026  1.00 0.61 ? 16 DC  B H6     1 
ATOM   510 P P      . DG  B 2 4  ? -11.600 6.934   2.004   1.00 0.71 ? 17 DG  B P      1 
ATOM   511 O OP1    . DG  B 2 4  ? -12.754 6.438   2.787   1.00 1.36 ? 17 DG  B OP1    1 
ATOM   512 O OP2    . DG  B 2 4  ? -10.260 6.997   2.632   1.00 1.64 ? 17 DG  B OP2    1 
ATOM   513 O "O5'"  . DG  B 2 4  ? -11.486 6.049   0.660   1.00 0.60 ? 17 DG  B "O5'"  1 
ATOM   514 C "C5'"  . DG  B 2 4  ? -12.611 5.926   -0.216  1.00 0.57 ? 17 DG  B "C5'"  1 
ATOM   515 C "C4'"  . DG  B 2 4  ? -12.402 4.852   -1.285  1.00 0.56 ? 17 DG  B "C4'"  1 
ATOM   516 O "O4'"  . DG  B 2 4  ? -11.358 5.235   -2.212  1.00 0.51 ? 17 DG  B "O4'"  1 
ATOM   517 C "C3'"  . DG  B 2 4  ? -11.981 3.530   -0.663  1.00 0.63 ? 17 DG  B "C3'"  1 
ATOM   518 O "O3'"  . DG  B 2 4  ? -12.574 2.421   -1.358  1.00 0.67 ? 17 DG  B "O3'"  1 
ATOM   519 C "C2'"  . DG  B 2 4  ? -10.487 3.531   -0.802  1.00 0.64 ? 17 DG  B "C2'"  1 
ATOM   520 C "C1'"  . DG  B 2 4  ? -10.204 4.378   -2.031  1.00 0.56 ? 17 DG  B "C1'"  1 
ATOM   521 N N9     . DG  B 2 4  ? -8.984  5.187   -1.852  1.00 0.53 ? 17 DG  B N9     1 
ATOM   522 C C8     . DG  B 2 4  ? -8.547  5.847   -0.755  1.00 0.55 ? 17 DG  B C8     1 
ATOM   523 N N7     . DG  B 2 4  ? -7.458  6.533   -0.862  1.00 0.53 ? 17 DG  B N7     1 
ATOM   524 C C5     . DG  B 2 4  ? -7.111  6.311   -2.197  1.00 0.49 ? 17 DG  B C5     1 
ATOM   525 C C6     . DG  B 2 4  ? -6.004  6.795   -2.941  1.00 0.46 ? 17 DG  B C6     1 
ATOM   526 O O6     . DG  B 2 4  ? -5.099  7.539   -2.567  1.00 0.46 ? 17 DG  B O6     1 
ATOM   527 N N1     . DG  B 2 4  ? -6.029  6.332   -4.251  1.00 0.46 ? 17 DG  B N1     1 
ATOM   528 C C2     . DG  B 2 4  ? -6.998  5.505   -4.785  1.00 0.49 ? 17 DG  B C2     1 
ATOM   529 N N2     . DG  B 2 4  ? -6.843  5.161   -6.064  1.00 0.52 ? 17 DG  B N2     1 
ATOM   530 N N3     . DG  B 2 4  ? -8.044  5.048   -4.091  1.00 0.50 ? 17 DG  B N3     1 
ATOM   531 C C4     . DG  B 2 4  ? -8.042  5.485   -2.812  1.00 0.50 ? 17 DG  B C4     1 
ATOM   532 H "H5'"  . DG  B 2 4  ? -12.772 6.883   -0.710  1.00 0.52 ? 17 DG  B "H5'"  1 
ATOM   533 H "H5''" . DG  B 2 4  ? -13.493 5.675   0.372   1.00 0.62 ? 17 DG  B "H5''" 1 
ATOM   534 H "H4'"  . DG  B 2 4  ? -13.330 4.709   -1.836  1.00 0.55 ? 17 DG  B "H4'"  1 
ATOM   535 H "H3'"  . DG  B 2 4  ? -12.259 3.510   0.393   1.00 0.67 ? 17 DG  B "H3'"  1 
ATOM   536 H "H2'"  . DG  B 2 4  ? -10.032 3.979   0.080   1.00 0.65 ? 17 DG  B "H2'"  1 
ATOM   537 H "H2''" . DG  B 2 4  ? -10.118 2.520   -0.945  1.00 0.69 ? 17 DG  B "H2''" 1 
ATOM   538 H "H1'"  . DG  B 2 4  ? -10.090 3.732   -2.901  1.00 0.57 ? 17 DG  B "H1'"  1 
ATOM   539 H H8     . DG  B 2 4  ? -9.094  5.793   0.184   1.00 0.59 ? 17 DG  B H8     1 
ATOM   540 H H1     . DG  B 2 4  ? -5.269  6.638   -4.843  1.00 0.46 ? 17 DG  B H1     1 
ATOM   541 H H21    . DG  B 2 4  ? -6.051  5.505   -6.587  1.00 0.52 ? 17 DG  B H21    1 
ATOM   542 H H22    . DG  B 2 4  ? -7.517  4.555   -6.509  1.00 0.56 ? 17 DG  B H22    1 
ATOM   543 P P      . DG  B 2 5  ? -12.097 0.903   -1.079  1.00 0.72 ? 18 DG  B P      1 
ATOM   544 O OP1    . DG  B 2 5  ? -13.224 -0.003  -1.398  1.00 0.97 ? 18 DG  B OP1    1 
ATOM   545 O OP2    . DG  B 2 5  ? -11.466 0.849   0.260   1.00 1.87 ? 18 DG  B OP2    1 
ATOM   546 O "O5'"  . DG  B 2 5  ? -10.945 0.686   -2.187  1.00 0.67 ? 18 DG  B "O5'"  1 
ATOM   547 C "C5'"  . DG  B 2 5  ? -11.286 0.620   -3.576  1.00 0.67 ? 18 DG  B "C5'"  1 
ATOM   548 C "C4'"  . DG  B 2 5  ? -10.054 0.446   -4.464  1.00 0.65 ? 18 DG  B "C4'"  1 
ATOM   549 O "O4'"  . DG  B 2 5  ? -9.138  1.553   -4.302  1.00 0.64 ? 18 DG  B "O4'"  1 
ATOM   550 C "C3'"  . DG  B 2 5  ? -9.305  -0.840  -4.128  1.00 0.64 ? 18 DG  B "C3'"  1 
ATOM   551 O "O3'"  . DG  B 2 5  ? -9.270  -1.717  -5.265  1.00 0.65 ? 18 DG  B "O3'"  1 
ATOM   552 C "C2'"  . DG  B 2 5  ? -7.917  -0.404  -3.725  1.00 0.62 ? 18 DG  B "C2'"  1 
ATOM   553 C "C1'"  . DG  B 2 5  ? -7.800  1.055   -4.113  1.00 0.61 ? 18 DG  B "C1'"  1 
ATOM   554 N N9     . DG  B 2 5  ? -7.086  1.826   -3.079  1.00 0.59 ? 18 DG  B N9     1 
ATOM   555 C C8     . DG  B 2 5  ? -7.353  1.955   -1.757  1.00 0.61 ? 18 DG  B C8     1 
ATOM   556 N N7     . DG  B 2 5  ? -6.577  2.717   -1.061  1.00 0.60 ? 18 DG  B N7     1 
ATOM   557 C C5     . DG  B 2 5  ? -5.670  3.156   -2.028  1.00 0.57 ? 18 DG  B C5     1 
ATOM   558 C C6     . DG  B 2 5  ? -4.557  4.028   -1.900  1.00 0.56 ? 18 DG  B C6     1 
ATOM   559 O O6     . DG  B 2 5  ? -4.148  4.602   -0.893  1.00 0.57 ? 18 DG  B O6     1 
ATOM   560 N N1     . DG  B 2 5  ? -3.908  4.206   -3.116  1.00 0.55 ? 18 DG  B N1     1 
ATOM   561 C C2     . DG  B 2 5  ? -4.281  3.620   -4.310  1.00 0.55 ? 18 DG  B C2     1 
ATOM   562 N N2     . DG  B 2 5  ? -3.525  3.905   -5.371  1.00 0.55 ? 18 DG  B N2     1 
ATOM   563 N N3     . DG  B 2 5  ? -5.328  2.803   -4.438  1.00 0.56 ? 18 DG  B N3     1 
ATOM   564 C C4     . DG  B 2 5  ? -5.975  2.614   -3.266  1.00 0.57 ? 18 DG  B C4     1 
ATOM   565 H "H5'"  . DG  B 2 5  ? -11.796 1.541   -3.858  1.00 0.68 ? 18 DG  B "H5'"  1 
ATOM   566 H "H5''" . DG  B 2 5  ? -11.958 -0.223  -3.735  1.00 0.69 ? 18 DG  B "H5''" 1 
ATOM   567 H "H4'"  . DG  B 2 5  ? -10.373 0.406   -5.505  1.00 0.66 ? 18 DG  B "H4'"  1 
ATOM   568 H "H3'"  . DG  B 2 5  ? -9.790  -1.337  -3.284  1.00 0.65 ? 18 DG  B "H3'"  1 
ATOM   569 H "H2'"  . DG  B 2 5  ? -7.792  -0.516  -2.649  1.00 0.62 ? 18 DG  B "H2'"  1 
ATOM   570 H "H2''" . DG  B 2 5  ? -7.168  -0.990  -4.252  1.00 0.62 ? 18 DG  B "H2''" 1 
ATOM   571 H "H1'"  . DG  B 2 5  ? -7.254  1.130   -5.054  1.00 0.61 ? 18 DG  B "H1'"  1 
ATOM   572 H H8     . DG  B 2 5  ? -8.183  1.421   -1.296  1.00 0.64 ? 18 DG  B H8     1 
ATOM   573 H H1     . DG  B 2 5  ? -3.101  4.812   -3.103  1.00 0.55 ? 18 DG  B H1     1 
ATOM   574 H H21    . DG  B 2 5  ? -2.726  4.518   -5.272  1.00 0.55 ? 18 DG  B H21    1 
ATOM   575 H H22    . DG  B 2 5  ? -3.744  3.502   -6.270  1.00 0.55 ? 18 DG  B H22    1 
ATOM   576 P P      . DA  B 2 6  ? -8.278  -2.989  -5.318  1.00 0.65 ? 19 DA  B P      1 
ATOM   577 O OP1    . DA  B 2 6  ? -8.728  -3.884  -6.407  1.00 1.08 ? 19 DA  B OP1    1 
ATOM   578 O OP2    . DA  B 2 6  ? -8.125  -3.519  -3.943  1.00 1.72 ? 19 DA  B OP2    1 
ATOM   579 O "O5'"  . DA  B 2 6  ? -6.877  -2.320  -5.758  1.00 0.66 ? 19 DA  B "O5'"  1 
ATOM   580 C "C5'"  . DA  B 2 6  ? -6.737  -1.708  -7.045  1.00 0.68 ? 19 DA  B "C5'"  1 
ATOM   581 C "C4'"  . DA  B 2 6  ? -5.287  -1.323  -7.338  1.00 0.68 ? 19 DA  B "C4'"  1 
ATOM   582 O "O4'"  . DA  B 2 6  ? -4.809  -0.329  -6.397  1.00 0.67 ? 19 DA  B "O4'"  1 
ATOM   583 C "C3'"  . DA  B 2 6  ? -4.370  -2.534  -7.240  1.00 0.67 ? 19 DA  B "C3'"  1 
ATOM   584 O "O3'"  . DA  B 2 6  ? -3.498  -2.601  -8.379  1.00 0.68 ? 19 DA  B "O3'"  1 
ATOM   585 C "C2'"  . DA  B 2 6  ? -3.593  -2.325  -5.967  1.00 0.65 ? 19 DA  B "C2'"  1 
ATOM   586 C "C1'"  . DA  B 2 6  ? -3.652  -0.836  -5.695  1.00 0.65 ? 19 DA  B "C1'"  1 
ATOM   587 N N9     . DA  B 2 6  ? -3.746  -0.544  -4.252  1.00 0.64 ? 19 DA  B N9     1 
ATOM   588 C C8     . DA  B 2 6  ? -4.542  -1.088  -3.298  1.00 0.65 ? 19 DA  B C8     1 
ATOM   589 N N7     . DA  B 2 6  ? -4.460  -0.599  -2.105  1.00 0.64 ? 19 DA  B N7     1 
ATOM   590 C C5     . DA  B 2 6  ? -3.487  0.393   -2.275  1.00 0.63 ? 19 DA  B C5     1 
ATOM   591 C C6     . DA  B 2 6  ? -2.908  1.315   -1.399  1.00 0.62 ? 19 DA  B C6     1 
ATOM   592 N N6     . DA  B 2 6  ? -3.250  1.420   -0.115  1.00 0.63 ? 19 DA  B N6     1 
ATOM   593 N N1     . DA  B 2 6  ? -1.977  2.144   -1.902  1.00 0.62 ? 19 DA  B N1     1 
ATOM   594 C C2     . DA  B 2 6  ? -1.636  2.079   -3.188  1.00 0.61 ? 19 DA  B C2     1 
ATOM   595 N N3     . DA  B 2 6  ? -2.120  1.251   -4.103  1.00 0.61 ? 19 DA  B N3     1 
ATOM   596 C C4     . DA  B 2 6  ? -3.049  0.428   -3.578  1.00 0.62 ? 19 DA  B C4     1 
ATOM   597 H "H5'"  . DA  B 2 6  ? -7.356  -0.811  -7.081  1.00 0.70 ? 19 DA  B "H5'"  1 
ATOM   598 H "H5''" . DA  B 2 6  ? -7.078  -2.407  -7.809  1.00 0.70 ? 19 DA  B "H5''" 1 
ATOM   599 H "H4'"  . DA  B 2 6  ? -5.226  -0.912  -8.346  1.00 0.70 ? 19 DA  B "H4'"  1 
ATOM   600 H "H3'"  . DA  B 2 6  ? -4.965  -3.446  -7.166  1.00 0.68 ? 19 DA  B "H3'"  1 
ATOM   601 H "H2'"  . DA  B 2 6  ? -4.060  -2.877  -5.151  1.00 0.65 ? 19 DA  B "H2'"  1 
ATOM   602 H "H2''" . DA  B 2 6  ? -2.564  -2.645  -6.096  1.00 0.65 ? 19 DA  B "H2''" 1 
ATOM   603 H "H1'"  . DA  B 2 6  ? -2.751  -0.364  -6.092  1.00 0.64 ? 19 DA  B "H1'"  1 
ATOM   604 H H8     . DA  B 2 6  ? -5.215  -1.913  -3.526  1.00 0.67 ? 19 DA  B H8     1 
ATOM   605 H H61    . DA  B 2 6  ? -2.802  2.110   0.474   1.00 0.64 ? 19 DA  B H61    1 
ATOM   606 H H62    . DA  B 2 6  ? -3.960  0.813   0.270   1.00 0.64 ? 19 DA  B H62    1 
ATOM   607 H H2     . DA  B 2 6  ? -0.875  2.782   -3.526  1.00 0.61 ? 19 DA  B H2     1 
HETATM 608 P P      . DNR B 2 7  ? -2.293  -3.670  -8.450  1.00 0.70 ? 20 DNR B P      1 
HETATM 609 O OP1    . DNR B 2 7  ? -1.859  -3.788  -9.860  1.00 1.49 ? 20 DNR B OP1    1 
HETATM 610 O OP2    . DNR B 2 7  ? -2.700  -4.879  -7.700  1.00 1.44 ? 20 DNR B OP2    1 
HETATM 611 O "O5'"  . DNR B 2 7  ? -1.124  -2.933  -7.617  1.00 0.69 ? 20 DNR B "O5'"  1 
HETATM 612 C "C5'"  . DNR B 2 7  ? -0.174  -2.090  -8.279  1.00 0.68 ? 20 DNR B "C5'"  1 
HETATM 613 C "C4'"  . DNR B 2 7  ? 0.990   -1.727  -7.362  1.00 0.66 ? 20 DNR B "C4'"  1 
HETATM 614 O "O4'"  . DNR B 2 7  ? 0.543   -0.965  -6.223  1.00 0.65 ? 20 DNR B "O4'"  1 
HETATM 615 C "C1'"  . DNR B 2 7  ? 1.385   -1.299  -5.095  1.00 0.64 ? 20 DNR B "C1'"  1 
HETATM 616 N N1     . DNR B 2 7  ? 0.597   -1.443  -3.854  1.00 0.64 ? 20 DNR B N1     1 
HETATM 617 C C6     . DNR B 2 7  ? -0.496  -2.252  -3.820  1.00 0.65 ? 20 DNR B C6     1 
HETATM 618 C C2     . DNR B 2 7  ? 1.004   -0.721  -2.734  1.00 0.63 ? 20 DNR B C2     1 
HETATM 619 O O2     . DNR B 2 7  ? 1.999   0.000   -2.790  1.00 0.63 ? 20 DNR B O2     1 
HETATM 620 N N3     . DNR B 2 7  ? 0.276   -0.839  -1.587  1.00 0.64 ? 20 DNR B N3     1 
HETATM 621 C C4     . DNR B 2 7  ? -0.806  -1.634  -1.543  1.00 0.65 ? 20 DNR B C4     1 
HETATM 622 N N4     . DNR B 2 7  ? -1.500  -1.733  -0.412  1.00 0.66 ? 20 DNR B N4     1 
HETATM 623 C C5     . DNR B 2 7  ? -1.224  -2.376  -2.695  1.00 0.65 ? 20 DNR B C5     1 
HETATM 624 C "C2'"  . DNR B 2 7  ? 2.112   -2.581  -5.452  1.00 0.65 ? 20 DNR B "C2'"  1 
HETATM 625 C "C3'"  . DNR B 2 7  ? 1.640   -2.973  -6.818  1.00 0.67 ? 20 DNR B "C3'"  1 
HETATM 626 O "O3'"  . DNR B 2 7  ? 2.731   -3.370  -7.668  1.00 0.68 ? 20 DNR B "O3'"  1 
HETATM 627 H "H5'"  . DNR B 2 7  ? -0.670  -1.177  -8.600  1.00 0.68 ? 20 DNR B "H5'"  1 
HETATM 628 H "H5''" . DNR B 2 7  ? 0.214   -2.611  -9.153  1.00 0.70 ? 20 DNR B "H5''" 1 
HETATM 629 H "H4'"  . DNR B 2 7  ? 1.724   -1.156  -7.914  1.00 0.67 ? 20 DNR B "H4'"  1 
HETATM 630 H "H1'"  . DNR B 2 7  ? 2.128   -0.521  -4.958  1.00 0.64 ? 20 DNR B "H1'"  1 
HETATM 631 H H6     . DNR B 2 7  ? -0.781  -2.804  -4.717  1.00 0.66 ? 20 DNR B H6     1 
HETATM 632 H HN3    . DNR B 2 7  ? 0.514   -0.262  -0.779  1.00 0.64 ? 20 DNR B HN3    1 
HETATM 633 H H41    . DNR B 2 7  ? -1.213  -1.213  0.402   1.00 0.66 ? 20 DNR B H41    1 
HETATM 634 H H42    . DNR B 2 7  ? -2.315  -2.327  -0.370  1.00 0.66 ? 20 DNR B H42    1 
HETATM 635 H H5     . DNR B 2 7  ? -2.102  -3.022  -2.661  1.00 0.66 ? 20 DNR B H5     1 
HETATM 636 H "H2'"  . DNR B 2 7  ? 1.850   -3.358  -4.736  1.00 0.66 ? 20 DNR B "H2'"  1 
HETATM 637 H "H2''" . DNR B 2 7  ? 3.178   -2.416  -5.466  1.00 0.66 ? 20 DNR B "H2''" 1 
HETATM 638 H "H3'"  . DNR B 2 7  ? 0.912   -3.762  -6.737  1.00 0.67 ? 20 DNR B "H3'"  1 
ATOM   639 P P      . DA  B 2 8  ? 3.910   -4.351  -7.158  1.00 0.68 ? 21 DA  B P      1 
ATOM   640 O OP1    . DA  B 2 8  ? 4.706   -4.767  -8.334  1.00 1.53 ? 21 DA  B OP1    1 
ATOM   641 O OP2    . DA  B 2 8  ? 3.308   -5.378  -6.277  1.00 1.37 ? 21 DA  B OP2    1 
ATOM   642 O "O5'"  . DA  B 2 8  ? 4.826   -3.382  -6.244  1.00 0.66 ? 21 DA  B "O5'"  1 
ATOM   643 C "C5'"  . DA  B 2 8  ? 5.307   -2.124  -6.742  1.00 0.67 ? 21 DA  B "C5'"  1 
ATOM   644 C "C4'"  . DA  B 2 8  ? 6.242   -1.440  -5.749  1.00 0.65 ? 21 DA  B "C4'"  1 
ATOM   645 O "O4'"  . DA  B 2 8  ? 5.546   -1.164  -4.511  1.00 0.66 ? 21 DA  B "O4'"  1 
ATOM   646 C "C3'"  . DA  B 2 8  ? 7.395   -2.355  -5.409  1.00 0.62 ? 21 DA  B "C3'"  1 
ATOM   647 O "O3'"  . DA  B 2 8  ? 8.584   -1.598  -5.116  1.00 0.61 ? 21 DA  B "O3'"  1 
ATOM   648 C "C2'"  . DA  B 2 8  ? 6.895   -3.090  -4.211  1.00 0.61 ? 21 DA  B "C2'"  1 
ATOM   649 C "C1'"  . DA  B 2 8  ? 5.962   -2.125  -3.514  1.00 0.63 ? 21 DA  B "C1'"  1 
ATOM   650 N N9     . DA  B 2 8  ? 4.808   -2.839  -2.946  1.00 0.64 ? 21 DA  B N9     1 
ATOM   651 C C8     . DA  B 2 8  ? 4.009   -3.749  -3.534  1.00 0.65 ? 21 DA  B C8     1 
ATOM   652 N N7     . DA  B 2 8  ? 3.049   -4.248  -2.836  1.00 0.65 ? 21 DA  B N7     1 
ATOM   653 C C5     . DA  B 2 8  ? 3.220   -3.589  -1.618  1.00 0.65 ? 21 DA  B C5     1 
ATOM   654 C C6     . DA  B 2 8  ? 2.527   -3.648  -0.409  1.00 0.66 ? 21 DA  B C6     1 
ATOM   655 N N6     . DA  B 2 8  ? 1.466   -4.434  -0.219  1.00 0.66 ? 21 DA  B N6     1 
ATOM   656 N N1     . DA  B 2 8  ? 2.964   -2.864  0.592   1.00 0.66 ? 21 DA  B N1     1 
ATOM   657 C C2     . DA  B 2 8  ? 4.020   -2.066  0.416   1.00 0.66 ? 21 DA  B C2     1 
ATOM   658 N N3     . DA  B 2 8  ? 4.749   -1.931  -0.688  1.00 0.65 ? 21 DA  B N3     1 
ATOM   659 C C4     . DA  B 2 8  ? 4.292   -2.727  -1.675  1.00 0.64 ? 21 DA  B C4     1 
ATOM   660 H "H5'"  . DA  B 2 8  ? 4.463   -1.478  -6.914  1.00 0.70 ? 21 DA  B "H5'"  1 
ATOM   661 H "H5''" . DA  B 2 8  ? 5.836   -2.287  -7.682  1.00 0.67 ? 21 DA  B "H5''" 1 
ATOM   662 H "H4'"  . DA  B 2 8  ? 6.618   -0.509  -6.172  1.00 0.65 ? 21 DA  B "H4'"  1 
ATOM   663 H "H3'"  . DA  B 2 8  ? 7.574   -3.050  -6.222  1.00 0.62 ? 21 DA  B "H3'"  1 
ATOM   664 H "H2'"  . DA  B 2 8  ? 6.336   -3.969  -4.539  1.00 0.62 ? 21 DA  B "H2'"  1 
ATOM   665 H "H2''" . DA  B 2 8  ? 7.707   -3.374  -3.562  1.00 0.60 ? 21 DA  B "H2''" 1 
ATOM   666 H "H1'"  . DA  B 2 8  ? 6.505   -1.614  -2.725  1.00 0.63 ? 21 DA  B "H1'"  1 
ATOM   667 H H8     . DA  B 2 8  ? 4.174   -4.044  -4.566  1.00 0.65 ? 21 DA  B H8     1 
ATOM   668 H H61    . DA  B 2 8  ? 0.991   -4.436  0.675   1.00 0.67 ? 21 DA  B H61    1 
ATOM   669 H H62    . DA  B 2 8  ? 1.133   -5.023  -0.970  1.00 0.67 ? 21 DA  B H62    1 
ATOM   670 H H2     . DA  B 2 8  ? 4.318   -1.459  1.270   1.00 0.68 ? 21 DA  B H2     1 
ATOM   671 P P      . DC  B 2 9  ? 9.802   -2.219  -4.253  1.00 0.59 ? 22 DC  B P      1 
ATOM   672 O OP1    . DC  B 2 9  ? 11.049  -1.526  -4.647  1.00 1.15 ? 22 DC  B OP1    1 
ATOM   673 O OP2    . DC  B 2 9  ? 9.725   -3.696  -4.329  1.00 1.63 ? 22 DC  B OP2    1 
ATOM   674 O "O5'"  . DC  B 2 9  ? 9.429   -1.772  -2.748  1.00 0.62 ? 22 DC  B "O5'"  1 
ATOM   675 C "C5'"  . DC  B 2 9  ? 9.388   -0.384  -2.399  1.00 0.65 ? 22 DC  B "C5'"  1 
ATOM   676 C "C4'"  . DC  B 2 9  ? 9.428   -0.162  -0.886  1.00 0.62 ? 22 DC  B "C4'"  1 
ATOM   677 O "O4'"  . DC  B 2 9  ? 8.272   -0.734  -0.228  1.00 0.59 ? 22 DC  B "O4'"  1 
ATOM   678 C "C3'"  . DC  B 2 9  ? 10.653  -0.800  -0.256  1.00 0.61 ? 22 DC  B "C3'"  1 
ATOM   679 O "O3'"  . DC  B 2 9  ? 11.155  0.005   0.826   1.00 0.61 ? 22 DC  B "O3'"  1 
ATOM   680 C "C2'"  . DC  B 2 9  ? 10.149  -2.122  0.236   1.00 0.60 ? 22 DC  B "C2'"  1 
ATOM   681 C "C1'"  . DC  B 2 9  ? 8.691   -1.871  0.565   1.00 0.58 ? 22 DC  B "C1'"  1 
ATOM   682 N N1     . DC  B 2 9  ? 7.840   -3.057  0.317   1.00 0.58 ? 22 DC  B N1     1 
ATOM   683 C C2     . DC  B 2 9  ? 6.927   -3.401  1.308   1.00 0.58 ? 22 DC  B C2     1 
ATOM   684 O O2     . DC  B 2 9  ? 6.862   -2.744  2.346   1.00 0.58 ? 22 DC  B O2     1 
ATOM   685 N N3     . DC  B 2 9  ? 6.123   -4.479  1.100   1.00 0.58 ? 22 DC  B N3     1 
ATOM   686 C C4     . DC  B 2 9  ? 6.207   -5.194  -0.027  1.00 0.58 ? 22 DC  B C4     1 
ATOM   687 N N4     . DC  B 2 9  ? 5.394   -6.238  -0.201  1.00 0.59 ? 22 DC  B N4     1 
ATOM   688 C C5     . DC  B 2 9  ? 7.147   -4.847  -1.048  1.00 0.59 ? 22 DC  B C5     1 
ATOM   689 C C6     . DC  B 2 9  ? 7.938   -3.776  -0.837  1.00 0.59 ? 22 DC  B C6     1 
ATOM   690 H "H5'"  . DC  B 2 9  ? 8.471   0.052   -2.795  1.00 0.68 ? 22 DC  B "H5'"  1 
ATOM   691 H "H5''" . DC  B 2 9  ? 10.242  0.120   -2.851  1.00 0.67 ? 22 DC  B "H5''" 1 
ATOM   692 H "H4'"  . DC  B 2 9  ? 9.449   0.906   -0.688  1.00 0.62 ? 22 DC  B "H4'"  1 
ATOM   693 H "H3'"  . DC  B 2 9  ? 11.426  -0.948  -1.013  1.00 0.64 ? 22 DC  B "H3'"  1 
ATOM   694 H "H2'"  . DC  B 2 9  ? 10.249  -2.878  -0.539  1.00 0.60 ? 22 DC  B "H2'"  1 
ATOM   695 H "H2''" . DC  B 2 9  ? 10.681  -2.422  1.125   1.00 0.59 ? 22 DC  B "H2''" 1 
ATOM   696 H "H1'"  . DC  B 2 9  ? 8.629   -1.608  1.617   1.00 0.58 ? 22 DC  B "H1'"  1 
ATOM   697 H H41    . DC  B 2 9  ? 4.727   -6.486  0.518   1.00 0.60 ? 22 DC  B H41    1 
ATOM   698 H H42    . DC  B 2 9  ? 5.446   -6.781  -1.051  1.00 0.60 ? 22 DC  B H42    1 
ATOM   699 H H5     . DC  B 2 9  ? 7.230   -5.436  -1.961  1.00 0.59 ? 22 DC  B H5     1 
ATOM   700 H H6     . DC  B 2 9  ? 8.659   -3.479  -1.596  1.00 0.59 ? 22 DC  B H6     1 
ATOM   701 P P      . DC  B 2 10 ? 12.316  -0.535  1.816   1.00 0.62 ? 23 DC  B P      1 
ATOM   702 O OP1    . DC  B 2 10 ? 13.229  0.592   2.111   1.00 1.55 ? 23 DC  B OP1    1 
ATOM   703 O OP2    . DC  B 2 10 ? 12.860  -1.793  1.256   1.00 1.32 ? 23 DC  B OP2    1 
ATOM   704 O "O5'"  . DC  B 2 10 ? 11.504  -0.894  3.165   1.00 0.58 ? 23 DC  B "O5'"  1 
ATOM   705 C "C5'"  . DC  B 2 10 ? 10.986  0.148   4.001   1.00 0.58 ? 23 DC  B "C5'"  1 
ATOM   706 C "C4'"  . DC  B 2 10 ? 10.265  -0.401  5.236   1.00 0.57 ? 23 DC  B "C4'"  1 
ATOM   707 O "O4'"  . DC  B 2 10 ? 9.223   -1.344  4.862   1.00 0.55 ? 23 DC  B "O4'"  1 
ATOM   708 C "C3'"  . DC  B 2 10 ? 11.217  -1.137  6.168   1.00 0.62 ? 23 DC  B "C3'"  1 
ATOM   709 O "O3'"  . DC  B 2 10 ? 10.927  -0.816  7.540   1.00 0.65 ? 23 DC  B "O3'"  1 
ATOM   710 C "C2'"  . DC  B 2 10 ? 10.968  -2.586  5.868   1.00 0.61 ? 23 DC  B "C2'"  1 
ATOM   711 C "C1'"  . DC  B 2 10 ? 9.514   -2.642  5.440   1.00 0.57 ? 23 DC  B "C1'"  1 
ATOM   712 N N1     . DC  B 2 10 ? 9.263   -3.732  4.466   1.00 0.56 ? 23 DC  B N1     1 
ATOM   713 C C2     . DC  B 2 10 ? 8.201   -4.594  4.720   1.00 0.55 ? 23 DC  B C2     1 
ATOM   714 O O2     . DC  B 2 10 ? 7.520   -4.462  5.735   1.00 0.54 ? 23 DC  B O2     1 
ATOM   715 N N3     . DC  B 2 10 ? 7.945   -5.585  3.821   1.00 0.56 ? 23 DC  B N3     1 
ATOM   716 C C4     . DC  B 2 10 ? 8.692   -5.727  2.719   1.00 0.57 ? 23 DC  B C4     1 
ATOM   717 N N4     . DC  B 2 10 ? 8.412   -6.706  1.858   1.00 0.59 ? 23 DC  B N4     1 
ATOM   718 C C5     . DC  B 2 10 ? 9.784   -4.846  2.453   1.00 0.58 ? 23 DC  B C5     1 
ATOM   719 C C6     . DC  B 2 10 ? 10.033  -3.869  3.347   1.00 0.58 ? 23 DC  B C6     1 
ATOM   720 H "H5'"  . DC  B 2 10 ? 10.283  0.747   3.421   1.00 0.55 ? 23 DC  B "H5'"  1 
ATOM   721 H "H5''" . DC  B 2 10 ? 11.809  0.785   4.325   1.00 0.60 ? 23 DC  B "H5''" 1 
ATOM   722 H "H4'"  . DC  B 2 10 ? 9.812   0.426   5.780   1.00 0.57 ? 23 DC  B "H4'"  1 
ATOM   723 H "H3'"  . DC  B 2 10 ? 12.250  -0.879  5.927   1.00 0.66 ? 23 DC  B "H3'"  1 
ATOM   724 H "H2'"  . DC  B 2 10 ? 11.619  -2.917  5.063   1.00 0.62 ? 23 DC  B "H2'"  1 
ATOM   725 H "H2''" . DC  B 2 10 ? 11.130  -3.192  6.751   1.00 0.64 ? 23 DC  B "H2''" 1 
ATOM   726 H "H1'"  . DC  B 2 10 ? 8.887   -2.791  6.321   1.00 0.56 ? 23 DC  B "H1'"  1 
ATOM   727 H H41    . DC  B 2 10 ? 7.640   -7.332  2.039   1.00 0.59 ? 23 DC  B H41    1 
ATOM   728 H H42    . DC  B 2 10 ? 8.970   -6.820  1.025   1.00 0.61 ? 23 DC  B H42    1 
ATOM   729 H H5     . DC  B 2 10 ? 10.389  -4.955  1.552   1.00 0.60 ? 23 DC  B H5     1 
ATOM   730 H H6     . DC  B 2 10 ? 10.864  -3.188  3.179   1.00 0.59 ? 23 DC  B H6     1 
ATOM   731 P P      . DG  B 2 11 ? 11.494  -1.709  8.761   1.00 0.79 ? 24 DG  B P      1 
ATOM   732 O OP1    . DG  B 2 11 ? 11.664  -0.827  9.937   1.00 1.17 ? 24 DG  B OP1    1 
ATOM   733 O OP2    . DG  B 2 11 ? 12.639  -2.507  8.267   1.00 1.99 ? 24 DG  B OP2    1 
ATOM   734 O "O5'"  . DG  B 2 11 ? 10.268  -2.715  9.057   1.00 0.80 ? 24 DG  B "O5'"  1 
ATOM   735 C "C5'"  . DG  B 2 11 ? 9.050   -2.227  9.636   1.00 0.84 ? 24 DG  B "C5'"  1 
ATOM   736 C "C4'"  . DG  B 2 11 ? 8.392   -3.270  10.538  1.00 0.75 ? 24 DG  B "C4'"  1 
ATOM   737 O "O4'"  . DG  B 2 11 ? 7.732   -4.286  9.751   1.00 0.63 ? 24 DG  B "O4'"  1 
ATOM   738 C "C3'"  . DG  B 2 11 ? 9.431   -3.950  11.410  1.00 0.77 ? 24 DG  B "C3'"  1 
ATOM   739 O "O3'"  . DG  B 2 11 ? 8.975   -4.048  12.770  1.00 0.93 ? 24 DG  B "O3'"  1 
ATOM   740 C "C2'"  . DG  B 2 11 ? 9.609   -5.310  10.802  1.00 0.63 ? 24 DG  B "C2'"  1 
ATOM   741 C "C1'"  . DG  B 2 11 ? 8.412   -5.548  9.902   1.00 0.53 ? 24 DG  B "C1'"  1 
ATOM   742 N N9     . DG  B 2 11 ? 8.832   -6.071  8.595   1.00 0.41 ? 24 DG  B N9     1 
ATOM   743 C C8     . DG  B 2 11 ? 9.846   -5.667  7.804   1.00 0.37 ? 24 DG  B C8     1 
ATOM   744 N N7     . DG  B 2 11 ? 10.003  -6.268  6.672   1.00 0.29 ? 24 DG  B N7     1 
ATOM   745 C C5     . DG  B 2 11 ? 8.961   -7.201  6.703   1.00 0.27 ? 24 DG  B C5     1 
ATOM   746 C C6     . DG  B 2 11 ? 8.585   -8.176  5.743   1.00 0.24 ? 24 DG  B C6     1 
ATOM   747 O O6     . DG  B 2 11 ? 9.099   -8.413  4.654   1.00 0.25 ? 24 DG  B O6     1 
ATOM   748 N N1     . DG  B 2 11 ? 7.483   -8.909  6.166   1.00 0.29 ? 24 DG  B N1     1 
ATOM   749 C C2     . DG  B 2 11 ? 6.819   -8.729  7.364   1.00 0.36 ? 24 DG  B C2     1 
ATOM   750 N N2     . DG  B 2 11 ? 5.782   -9.536  7.593   1.00 0.43 ? 24 DG  B N2     1 
ATOM   751 N N3     . DG  B 2 11 ? 7.167   -7.812  8.272   1.00 0.40 ? 24 DG  B N3     1 
ATOM   752 C C4     . DG  B 2 11 ? 8.239   -7.086  7.881   1.00 0.35 ? 24 DG  B C4     1 
ATOM   753 H "H5'"  . DG  B 2 11 ? 8.361   -1.970  8.834   1.00 0.87 ? 24 DG  B "H5'"  1 
ATOM   754 H "H5''" . DG  B 2 11 ? 9.267   -1.335  10.223  1.00 0.98 ? 24 DG  B "H5''" 1 
ATOM   755 H "H4'"  . DG  B 2 11 ? 7.658   -2.785  11.178  1.00 0.84 ? 24 DG  B "H4'"  1 
ATOM   756 H "H3'"  . DG  B 2 11 ? 10.371  -3.397  11.366  1.00 0.85 ? 24 DG  B "H3'"  1 
ATOM   757 H "H2'"  . DG  B 2 11 ? 10.531  -5.340  10.222  1.00 0.57 ? 24 DG  B "H2'"  1 
ATOM   758 H "H2''" . DG  B 2 11 ? 9.634   -6.051  11.575  1.00 0.72 ? 24 DG  B "H2''" 1 
ATOM   759 H "H1'"  . DG  B 2 11 ? 7.746   -6.266  10.377  1.00 0.56 ? 24 DG  B "H1'"  1 
ATOM   760 H H8     . DG  B 2 11 ? 10.511  -4.866  8.122   1.00 0.43 ? 24 DG  B H8     1 
ATOM   761 H H1     . DG  B 2 11 ? 7.156   -9.625  5.531   1.00 0.32 ? 24 DG  B H1     1 
ATOM   762 H H21    . DG  B 2 11 ? 5.519   -10.228 6.907   1.00 0.44 ? 24 DG  B H21    1 
ATOM   763 H H22    . DG  B 2 11 ? 5.259   -9.453  8.454   1.00 0.50 ? 24 DG  B H22    1 
ATOM   764 P P      . DC  B 2 12 ? 9.783   -4.918  13.868  1.00 1.10 ? 25 DC  B P      1 
ATOM   765 O OP1    . DC  B 2 12 ? 9.584   -4.289  15.194  1.00 1.81 ? 25 DC  B OP1    1 
ATOM   766 O OP2    . DC  B 2 12 ? 11.156  -5.149  13.364  1.00 1.69 ? 25 DC  B OP2    1 
ATOM   767 O "O5'"  . DC  B 2 12 ? 9.000   -6.331  13.857  1.00 1.09 ? 25 DC  B "O5'"  1 
ATOM   768 C "C5'"  . DC  B 2 12 ? 7.678   -6.429  14.404  1.00 1.16 ? 25 DC  B "C5'"  1 
ATOM   769 C "C4'"  . DC  B 2 12 ? 7.071   -7.822  14.216  1.00 1.17 ? 25 DC  B "C4'"  1 
ATOM   770 O "O4'"  . DC  B 2 12 ? 7.105   -8.226  12.829  1.00 1.02 ? 25 DC  B "O4'"  1 
ATOM   771 C "C3'"  . DC  B 2 12 ? 7.815   -8.879  15.015  1.00 1.30 ? 25 DC  B "C3'"  1 
ATOM   772 O "O3'"  . DC  B 2 12 ? 6.895   -9.758  15.681  1.00 1.42 ? 25 DC  B "O3'"  1 
ATOM   773 C "C2'"  . DC  B 2 12 ? 8.645   -9.612  14.010  1.00 1.22 ? 25 DC  B "C2'"  1 
ATOM   774 C "C1'"  . DC  B 2 12 ? 7.964   -9.380  12.680  1.00 1.05 ? 25 DC  B "C1'"  1 
ATOM   775 N N1     . DC  B 2 12 ? 8.942   -9.192  11.577  1.00 0.92 ? 25 DC  B N1     1 
ATOM   776 C C2     . DC  B 2 12 ? 8.706   -9.875  10.389  1.00 0.84 ? 25 DC  B C2     1 
ATOM   777 O O2     . DC  B 2 12 ? 7.723   -10.604 10.278  1.00 0.87 ? 25 DC  B O2     1 
ATOM   778 N N3     . DC  B 2 12 ? 9.588   -9.714  9.364   1.00 0.74 ? 25 DC  B N3     1 
ATOM   779 C C4     . DC  B 2 12 ? 10.658  -8.919  9.493   1.00 0.72 ? 25 DC  B C4     1 
ATOM   780 N N4     . DC  B 2 12 ? 11.499  -8.783  8.467   1.00 0.65 ? 25 DC  B N4     1 
ATOM   781 C C5     . DC  B 2 12 ? 10.908  -8.215  10.710  1.00 0.82 ? 25 DC  B C5     1 
ATOM   782 C C6     . DC  B 2 12 ? 10.031  -8.377  11.720  1.00 0.92 ? 25 DC  B C6     1 
ATOM   783 H "H5'"  . DC  B 2 12 ? 7.039   -5.698  13.908  1.00 1.10 ? 25 DC  B "H5'"  1 
ATOM   784 H "H5''" . DC  B 2 12 ? 7.717   -6.200  15.468  1.00 1.28 ? 25 DC  B "H5''" 1 
ATOM   785 H "H4'"  . DC  B 2 12 ? 6.038   -7.802  14.552  1.00 1.22 ? 25 DC  B "H4'"  1 
ATOM   786 H "H3'"  . DC  B 2 12 ? 8.461   -8.400  15.734  1.00 1.38 ? 25 DC  B "H3'"  1 
ATOM   787 H "H2'"  . DC  B 2 12 ? 9.654   -9.215  14.001  1.00 1.21 ? 25 DC  B "H2'"  1 
ATOM   788 H "H2''" . DC  B 2 12 ? 8.666   -10.671 14.238  1.00 1.30 ? 25 DC  B "H2''" 1 
ATOM   789 H "H1'"  . DC  B 2 12 ? 7.350   -10.245 12.469  1.00 1.07 ? 25 DC  B "H1'"  1 
ATOM   790 H H41    . DC  B 2 12 ? 11.329  -9.278  7.604   1.00 0.60 ? 25 DC  B H41    1 
ATOM   791 H H42    . DC  B 2 12 ? 12.307  -8.183  8.554   1.00 0.66 ? 25 DC  B H42    1 
ATOM   792 H H5     . DC  B 2 12 ? 11.778  -7.568  10.818  1.00 0.84 ? 25 DC  B H5     1 
ATOM   793 H H6     . DC  B 2 12 ? 10.190  -7.844  12.656  1.00 1.02 ? 25 DC  B H6     1 
ATOM   794 P P      . DG  B 2 13 ? 7.391   -11.130 16.375  1.00 1.59 ? 26 DG  B P      1 
ATOM   795 O OP1    . DG  B 2 13 ? 6.463   -11.451 17.481  1.00 1.66 ? 26 DG  B OP1    1 
ATOM   796 O OP2    . DG  B 2 13 ? 8.844   -11.020 16.641  1.00 2.48 ? 26 DG  B OP2    1 
ATOM   797 O "O5'"  . DG  B 2 13 ? 7.174   -12.215 15.201  1.00 1.55 ? 26 DG  B "O5'"  1 
ATOM   798 C "C5'"  . DG  B 2 13 ? 5.852   -12.570 14.781  1.00 1.55 ? 26 DG  B "C5'"  1 
ATOM   799 C "C4'"  . DG  B 2 13 ? 5.809   -13.934 14.091  1.00 1.61 ? 26 DG  B "C4'"  1 
ATOM   800 O "O4'"  . DG  B 2 13 ? 6.533   -13.925 12.840  1.00 1.49 ? 26 DG  B "O4'"  1 
ATOM   801 C "C3'"  . DG  B 2 13 ? 6.428   -15.014 14.949  1.00 1.80 ? 26 DG  B "C3'"  1 
ATOM   802 O "O3'"  . DG  B 2 13 ? 5.759   -16.266 14.759  1.00 1.92 ? 26 DG  B "O3'"  1 
ATOM   803 C "C2'"  . DG  B 2 13 ? 7.843   -15.084 14.466  1.00 1.76 ? 26 DG  B "C2'"  1 
ATOM   804 C "C1'"  . DG  B 2 13 ? 7.784   -14.636 13.009  1.00 1.57 ? 26 DG  B "C1'"  1 
ATOM   805 N N9     . DG  B 2 13 ? 8.935   -13.782 12.630  1.00 1.45 ? 26 DG  B N9     1 
ATOM   806 C C8     . DG  B 2 13 ? 9.660   -12.899 13.367  1.00 1.47 ? 26 DG  B C8     1 
ATOM   807 N N7     . DG  B 2 13 ? 10.603  -12.251 12.767  1.00 1.38 ? 26 DG  B N7     1 
ATOM   808 C C5     . DG  B 2 13 ? 10.515  -12.755 11.468  1.00 1.27 ? 26 DG  B C5     1 
ATOM   809 C C6     . DG  B 2 13 ? 11.288  -12.442 10.318  1.00 1.15 ? 26 DG  B C6     1 
ATOM   810 O O6     . DG  B 2 13 ? 12.208  -11.633 10.214  1.00 1.13 ? 26 DG  B O6     1 
ATOM   811 N N1     . DG  B 2 13 ? 10.878  -13.176 9.213   1.00 1.10 ? 26 DG  B N1     1 
ATOM   812 C C2     . DG  B 2 13 ? 9.850   -14.098 9.206   1.00 1.15 ? 26 DG  B C2     1 
ATOM   813 N N2     . DG  B 2 13 ? 9.610   -14.710 8.046   1.00 1.11 ? 26 DG  B N2     1 
ATOM   814 N N3     . DG  B 2 13 ? 9.117   -14.395 10.283  1.00 1.27 ? 26 DG  B N3     1 
ATOM   815 C C4     . DG  B 2 13 ? 9.499   -13.693 11.375  1.00 1.32 ? 26 DG  B C4     1 
ATOM   816 H "H5'"  . DG  B 2 13 ? 5.484   -11.811 14.090  1.00 1.43 ? 26 DG  B "H5'"  1 
ATOM   817 H "H5''" . DG  B 2 13 ? 5.200   -12.596 15.654  1.00 1.65 ? 26 DG  B "H5''" 1 
ATOM   818 H "H4'"  . DG  B 2 13 ? 4.777   -14.201 13.892  1.00 1.65 ? 26 DG  B "H4'"  1 
ATOM   819 H "H3'"  . DG  B 2 13 ? 6.402   -14.722 16.001  1.00 1.87 ? 26 DG  B "H3'"  1 
ATOM   820 H "HO3'" . DG  B 2 13 ? 4.836   -16.133 14.986  1.00 2.07 ? 26 DG  B "HO3'" 1 
ATOM   821 H "H2'"  . DG  B 2 13 ? 8.470   -14.416 15.050  1.00 1.76 ? 26 DG  B "H2'"  1 
ATOM   822 H "H2''" . DG  B 2 13 ? 8.207   -16.103 14.529  1.00 1.88 ? 26 DG  B "H2''" 1 
ATOM   823 H "H1'"  . DG  B 2 13 ? 7.773   -15.520 12.371  1.00 1.60 ? 26 DG  B "H1'"  1 
ATOM   824 H H8     . DG  B 2 13 ? 9.469   -12.752 14.427  1.00 1.58 ? 26 DG  B H8     1 
ATOM   825 H H1     . DG  B 2 13 ? 11.392  -13.014 8.358   1.00 1.03 ? 26 DG  B H1     1 
ATOM   826 H H21    . DG  B 2 13 ? 10.166  -14.486 7.233   1.00 1.04 ? 26 DG  B H21    1 
ATOM   827 H H22    . DG  B 2 13 ? 8.874   -15.397 7.981   1.00 1.17 ? 26 DG  B H22    1 
# 
